data_8HFV
#
_entry.id   8HFV
#
_cell.length_a   163.150
_cell.length_b   38.300
_cell.length_c   147.389
_cell.angle_alpha   90.00
_cell.angle_beta   103.97
_cell.angle_gamma   90.00
#
_symmetry.space_group_name_H-M   'C 1 2 1'
#
loop_
_entity.id
_entity.type
_entity.pdbx_description
1 polymer 'Procathepsin L'
2 non-polymer 'ZINC ION'
3 non-polymer 'CACODYLATE ION'
4 non-polymer Nalpha-[(4-methylpiperazin-1-yl)carbonyl]-N-[(3S)-1-phenyl-5-(phenylsulfonyl)pentan-3-yl]-L-phenylalaninamide
5 water water
#
_entity_poly.entity_id   1
_entity_poly.type   'polypeptide(L)'
_entity_poly.pdbx_seq_one_letter_code
;APRSVDWREKGYVTPVKNQGQCGSCWAFSATGALEGQMFRKTGRLISLSEQNLVDCSGPQGNEGCNGGLMDYAFQYVQDN
GGLDSEESYPYEATEESCKYNPKYSVANDTGFVDIPKQEKALMKAVATVGPISVAIDAGHESFLFYKEGIYFEPDCSSED
MDHGVLVVGYGFESTESDNNKYWLVKNSWGEEWGMGGYVKMAKDRRNHCGIASAASYPTV
;
_entity_poly.pdbx_strand_id   A,B,C,D
#
loop_
_chem_comp.id
_chem_comp.type
_chem_comp.name
_chem_comp.formula
0IW peptide-like Nalpha-[(4-methylpiperazin-1-yl)carbonyl]-N-[(3S)-1-phenyl-5-(phenylsulfonyl)pentan-3-yl]-L-phenylalaninamide 'C32 H40 N4 O4 S'
CAC non-polymer 'CACODYLATE ION' 'C2 H6 As O2 -1'
ZN non-polymer 'ZINC ION' 'Zn 2'
#
# COMPACT_ATOMS: atom_id res chain seq x y z
N ALA A 1 3.68 -9.60 25.82
CA ALA A 1 2.73 -9.82 24.74
C ALA A 1 1.34 -10.08 25.31
N PRO A 2 0.30 -9.82 24.50
CA PRO A 2 -1.06 -10.12 24.95
C PRO A 2 -1.24 -11.62 25.20
N ARG A 3 -2.04 -11.93 26.22
CA ARG A 3 -2.38 -13.33 26.47
C ARG A 3 -3.40 -13.86 25.46
N SER A 4 -4.09 -12.97 24.72
CA SER A 4 -5.06 -13.38 23.72
C SER A 4 -5.00 -12.41 22.55
N VAL A 5 -4.97 -12.94 21.32
CA VAL A 5 -4.96 -12.15 20.10
C VAL A 5 -5.93 -12.78 19.11
N ASP A 6 -6.65 -11.94 18.36
CA ASP A 6 -7.55 -12.44 17.30
C ASP A 6 -7.64 -11.35 16.25
N TRP A 7 -6.86 -11.48 15.17
CA TRP A 7 -6.81 -10.45 14.15
C TRP A 7 -8.08 -10.35 13.32
N ARG A 8 -8.96 -11.35 13.37
CA ARG A 8 -10.21 -11.27 12.65
C ARG A 8 -11.08 -10.12 13.16
N GLU A 9 -11.15 -9.95 14.48
CA GLU A 9 -11.92 -8.86 15.06
C GLU A 9 -11.33 -7.50 14.73
N LYS A 10 -10.07 -7.44 14.32
CA LYS A 10 -9.41 -6.19 13.96
C LYS A 10 -9.52 -5.89 12.47
N GLY A 11 -10.24 -6.71 11.70
CA GLY A 11 -10.47 -6.44 10.31
C GLY A 11 -9.38 -6.90 9.37
N TYR A 12 -8.41 -7.68 9.87
CA TYR A 12 -7.27 -8.10 9.06
C TYR A 12 -7.55 -9.33 8.20
N VAL A 13 -8.69 -10.00 8.41
CA VAL A 13 -8.87 -11.36 7.90
C VAL A 13 -10.14 -11.41 7.06
N THR A 14 -10.02 -12.03 5.89
CA THR A 14 -11.14 -12.19 4.99
C THR A 14 -11.92 -13.44 5.35
N PRO A 15 -13.11 -13.65 4.75
CA PRO A 15 -13.86 -14.87 5.03
C PRO A 15 -13.10 -16.13 4.63
N VAL A 16 -13.58 -17.26 5.14
CA VAL A 16 -12.98 -18.55 4.87
C VAL A 16 -13.26 -18.95 3.42
N LYS A 17 -12.23 -19.40 2.72
CA LYS A 17 -12.32 -19.85 1.34
C LYS A 17 -12.21 -21.37 1.28
N ASN A 18 -12.34 -21.91 0.07
CA ASN A 18 -12.33 -23.35 -0.15
C ASN A 18 -11.44 -23.69 -1.34
N GLN A 19 -10.31 -24.34 -1.07
CA GLN A 19 -9.36 -24.74 -2.11
C GLN A 19 -9.90 -25.85 -3.00
N GLY A 20 -10.95 -26.55 -2.59
CA GLY A 20 -11.50 -27.60 -3.42
C GLY A 20 -10.51 -28.74 -3.62
N GLN A 21 -10.66 -29.41 -4.76
CA GLN A 21 -9.86 -30.59 -5.08
C GLN A 21 -8.56 -30.18 -5.78
N CYS A 22 -7.75 -29.38 -5.07
CA CYS A 22 -6.50 -28.88 -5.61
C CYS A 22 -5.57 -28.56 -4.45
N GLY A 23 -4.32 -29.03 -4.53
CA GLY A 23 -3.36 -28.83 -3.47
C GLY A 23 -2.74 -27.45 -3.47
N SER A 24 -3.57 -26.43 -3.33
CA SER A 24 -3.15 -25.03 -3.42
C SER A 24 -3.21 -24.32 -2.06
N CYS A 25 -3.22 -25.08 -0.96
CA CYS A 25 -3.21 -24.54 0.39
C CYS A 25 -2.16 -23.45 0.57
N TRP A 26 -0.98 -23.67 -0.01
CA TRP A 26 0.09 -22.67 0.06
C TRP A 26 -0.38 -21.34 -0.52
N ALA A 27 -1.20 -21.36 -1.56
CA ALA A 27 -1.70 -20.12 -2.15
C ALA A 27 -2.65 -19.41 -1.21
N PHE A 28 -3.58 -20.16 -0.59
CA PHE A 28 -4.53 -19.54 0.33
C PHE A 28 -3.83 -19.04 1.59
N SER A 29 -2.80 -19.74 2.05
CA SER A 29 -2.03 -19.25 3.19
C SER A 29 -1.33 -17.94 2.84
N ALA A 30 -0.72 -17.86 1.66
CA ALA A 30 0.05 -16.69 1.29
C ALA A 30 -0.83 -15.48 1.05
N THR A 31 -1.99 -15.67 0.41
CA THR A 31 -2.93 -14.57 0.24
C THR A 31 -3.45 -14.09 1.59
N GLY A 32 -3.66 -15.03 2.52
CA GLY A 32 -4.11 -14.64 3.85
C GLY A 32 -3.16 -13.68 4.53
N ALA A 33 -1.87 -14.02 4.57
CA ALA A 33 -0.88 -13.14 5.19
C ALA A 33 -0.76 -11.83 4.42
N LEU A 34 -0.85 -11.88 3.09
CA LEU A 34 -0.74 -10.66 2.30
C LEU A 34 -1.98 -9.78 2.46
N GLU A 35 -3.17 -10.39 2.55
CA GLU A 35 -4.37 -9.62 2.82
C GLU A 35 -4.26 -8.88 4.15
N GLY A 36 -3.70 -9.53 5.17
CA GLY A 36 -3.52 -8.87 6.45
C GLY A 36 -2.53 -7.73 6.38
N GLN A 37 -1.39 -7.96 5.73
CA GLN A 37 -0.35 -6.92 5.66
C GLN A 37 -0.80 -5.75 4.80
N MET A 38 -1.54 -6.02 3.71
CA MET A 38 -2.08 -4.93 2.91
C MET A 38 -3.09 -4.11 3.71
N PHE A 39 -3.93 -4.78 4.51
CA PHE A 39 -4.89 -4.05 5.34
C PHE A 39 -4.18 -3.13 6.31
N ARG A 40 -3.12 -3.62 6.95
CA ARG A 40 -2.35 -2.77 7.86
C ARG A 40 -1.77 -1.56 7.12
N LYS A 41 -1.37 -1.77 5.86
CA LYS A 41 -0.75 -0.70 5.09
C LYS A 41 -1.75 0.34 4.63
N THR A 42 -2.91 -0.10 4.10
CA THR A 42 -3.84 0.81 3.45
C THR A 42 -5.19 0.96 4.15
N GLY A 43 -5.48 0.17 5.18
CA GLY A 43 -6.80 0.22 5.77
C GLY A 43 -7.90 -0.36 4.93
N ARG A 44 -7.55 -1.10 3.87
CA ARG A 44 -8.53 -1.74 3.00
C ARG A 44 -8.32 -3.25 3.03
N LEU A 45 -9.39 -3.98 3.29
CA LEU A 45 -9.37 -5.44 3.27
C LEU A 45 -9.90 -5.90 1.91
N ILE A 46 -9.00 -6.42 1.07
CA ILE A 46 -9.35 -6.82 -0.29
C ILE A 46 -8.94 -8.26 -0.52
N SER A 47 -9.83 -9.04 -1.14
CA SER A 47 -9.57 -10.46 -1.34
C SER A 47 -8.62 -10.65 -2.51
N LEU A 48 -7.56 -11.40 -2.24
CA LEU A 48 -6.51 -11.62 -3.27
C LEU A 48 -6.72 -12.94 -4.01
N SER A 49 -6.15 -13.05 -5.18
CA SER A 49 -6.38 -14.18 -6.08
C SER A 49 -5.36 -15.29 -5.82
N GLU A 50 -5.83 -16.42 -5.31
CA GLU A 50 -4.99 -17.62 -5.23
C GLU A 50 -4.76 -18.20 -6.62
N GLN A 51 -5.76 -18.11 -7.49
CA GLN A 51 -5.62 -18.63 -8.85
C GLN A 51 -4.47 -17.95 -9.59
N ASN A 52 -4.28 -16.66 -9.34
CA ASN A 52 -3.12 -15.95 -9.93
C ASN A 52 -1.84 -16.65 -9.47
N LEU A 53 -1.78 -17.02 -8.19
CA LEU A 53 -0.57 -17.66 -7.69
C LEU A 53 -0.39 -19.06 -8.27
N VAL A 54 -1.47 -19.84 -8.35
CA VAL A 54 -1.39 -21.21 -8.84
C VAL A 54 -0.91 -21.23 -10.29
N ASP A 55 -1.48 -20.36 -11.12
CA ASP A 55 -1.17 -20.36 -12.55
C ASP A 55 0.20 -19.77 -12.85
N CYS A 56 0.67 -18.80 -12.05
CA CYS A 56 1.74 -17.92 -12.48
C CYS A 56 3.04 -18.01 -11.69
N SER A 57 3.05 -18.65 -10.53
CA SER A 57 4.24 -18.65 -9.68
C SER A 57 5.11 -19.89 -9.87
N GLY A 58 4.94 -20.60 -10.99
CA GLY A 58 5.84 -21.68 -11.33
C GLY A 58 7.29 -21.30 -11.46
N PRO A 59 7.63 -20.16 -12.08
CA PRO A 59 9.04 -19.76 -12.13
C PRO A 59 9.69 -19.58 -10.77
N GLN A 60 8.91 -19.24 -9.75
CA GLN A 60 9.47 -19.01 -8.43
C GLN A 60 9.65 -20.29 -7.63
N GLY A 61 9.24 -21.44 -8.17
CA GLY A 61 9.41 -22.72 -7.52
C GLY A 61 8.14 -23.42 -7.12
N ASN A 62 6.96 -22.84 -7.34
CA ASN A 62 5.71 -23.45 -6.93
C ASN A 62 5.19 -24.40 -8.01
N GLU A 63 4.36 -25.34 -7.59
CA GLU A 63 3.90 -26.43 -8.44
C GLU A 63 2.38 -26.51 -8.54
N GLY A 64 1.71 -25.34 -8.50
CA GLY A 64 0.28 -25.29 -8.75
C GLY A 64 -0.52 -26.15 -7.78
N CYS A 65 -1.37 -27.02 -8.34
CA CYS A 65 -2.20 -27.92 -7.55
C CYS A 65 -1.42 -29.09 -6.96
N ASN A 66 -0.13 -29.20 -7.26
CA ASN A 66 0.72 -30.25 -6.68
C ASN A 66 1.51 -29.76 -5.48
N GLY A 67 1.23 -28.56 -4.99
CA GLY A 67 1.88 -28.02 -3.81
C GLY A 67 2.72 -26.81 -4.13
N GLY A 68 3.19 -26.18 -3.05
CA GLY A 68 4.01 -24.99 -3.17
C GLY A 68 4.47 -24.54 -1.81
N LEU A 69 5.22 -23.43 -1.79
CA LEU A 69 5.71 -22.82 -0.57
C LEU A 69 5.19 -21.39 -0.48
N MET A 70 4.78 -20.98 0.72
CA MET A 70 4.29 -19.62 0.92
C MET A 70 5.37 -18.60 0.56
N ASP A 71 6.62 -18.89 0.90
CA ASP A 71 7.71 -17.96 0.60
C ASP A 71 7.86 -17.77 -0.90
N TYR A 72 7.72 -18.85 -1.68
CA TYR A 72 7.77 -18.72 -3.13
C TYR A 72 6.64 -17.85 -3.66
N ALA A 73 5.47 -17.90 -3.02
CA ALA A 73 4.35 -17.05 -3.42
C ALA A 73 4.67 -15.58 -3.18
N PHE A 74 5.28 -15.25 -2.03
CA PHE A 74 5.68 -13.88 -1.78
C PHE A 74 6.72 -13.43 -2.79
N GLN A 75 7.63 -14.33 -3.16
CA GLN A 75 8.65 -13.99 -4.15
C GLN A 75 8.00 -13.68 -5.50
N TYR A 76 6.98 -14.45 -5.88
CA TYR A 76 6.28 -14.16 -7.14
C TYR A 76 5.71 -12.75 -7.12
N VAL A 77 5.02 -12.39 -6.04
CA VAL A 77 4.40 -11.06 -5.95
C VAL A 77 5.47 -9.98 -6.06
N GLN A 78 6.62 -10.20 -5.44
CA GLN A 78 7.74 -9.26 -5.60
C GLN A 78 8.26 -9.25 -7.03
N ASP A 79 8.56 -10.43 -7.58
CA ASP A 79 9.07 -10.50 -8.95
C ASP A 79 8.06 -9.95 -9.94
N ASN A 80 6.79 -10.32 -9.78
CA ASN A 80 5.76 -9.94 -10.75
C ASN A 80 5.43 -8.45 -10.70
N GLY A 81 5.67 -7.79 -9.57
CA GLY A 81 5.26 -6.41 -9.43
C GLY A 81 3.78 -6.23 -9.16
N GLY A 82 3.11 -7.26 -8.66
CA GLY A 82 1.71 -7.13 -8.29
C GLY A 82 1.04 -8.46 -8.15
N LEU A 83 -0.22 -8.40 -7.73
CA LEU A 83 -1.08 -9.58 -7.60
C LEU A 83 -2.51 -9.14 -7.83
N ASP A 84 -3.22 -9.92 -8.63
CA ASP A 84 -4.61 -9.56 -9.00
C ASP A 84 -5.58 -9.82 -7.85
N SER A 85 -6.67 -9.08 -7.87
CA SER A 85 -7.71 -9.27 -6.86
C SER A 85 -8.42 -10.60 -7.09
N GLU A 86 -9.05 -11.08 -6.01
CA GLU A 86 -9.86 -12.29 -6.12
C GLU A 86 -11.01 -12.08 -7.09
N GLU A 87 -11.64 -10.90 -7.04
CA GLU A 87 -12.74 -10.62 -7.96
C GLU A 87 -12.30 -10.69 -9.41
N SER A 88 -11.17 -10.05 -9.72
CA SER A 88 -10.72 -9.98 -11.11
C SER A 88 -10.21 -11.32 -11.62
N TYR A 89 -9.66 -12.14 -10.74
CA TYR A 89 -8.99 -13.39 -11.10
C TYR A 89 -9.50 -14.50 -10.19
N PRO A 90 -10.74 -14.95 -10.41
CA PRO A 90 -11.39 -15.86 -9.45
C PRO A 90 -10.80 -17.25 -9.45
N TYR A 91 -11.01 -17.94 -8.32
CA TYR A 91 -10.43 -19.25 -8.08
C TYR A 91 -11.25 -20.35 -8.76
N GLU A 92 -10.58 -21.28 -9.42
CA GLU A 92 -11.28 -22.35 -10.18
C GLU A 92 -10.88 -23.76 -9.72
N ALA A 93 -9.94 -23.86 -8.77
CA ALA A 93 -9.49 -25.16 -8.27
C ALA A 93 -8.91 -26.02 -9.38
N THR A 94 -8.22 -25.38 -10.32
CA THR A 94 -7.51 -26.07 -11.40
C THR A 94 -6.26 -25.25 -11.75
N GLU A 95 -5.37 -25.88 -12.50
CA GLU A 95 -4.17 -25.22 -13.00
C GLU A 95 -4.41 -24.79 -14.44
N GLU A 96 -4.09 -23.55 -14.73
CA GLU A 96 -4.26 -23.01 -16.09
C GLU A 96 -3.08 -22.08 -16.38
N SER A 97 -2.88 -21.74 -17.64
CA SER A 97 -1.79 -20.84 -18.01
C SER A 97 -2.06 -19.45 -17.43
N CYS A 98 -0.97 -18.73 -17.17
CA CYS A 98 -1.06 -17.48 -16.43
C CYS A 98 -1.96 -16.46 -17.11
N LYS A 99 -2.75 -15.74 -16.31
CA LYS A 99 -3.66 -14.73 -16.79
C LYS A 99 -3.51 -13.41 -16.04
N TYR A 100 -2.34 -13.18 -15.44
CA TYR A 100 -2.12 -11.96 -14.69
C TYR A 100 -2.37 -10.73 -15.54
N ASN A 101 -3.13 -9.79 -15.00
CA ASN A 101 -3.42 -8.52 -15.66
C ASN A 101 -2.92 -7.40 -14.76
N PRO A 102 -1.91 -6.64 -15.15
CA PRO A 102 -1.44 -5.55 -14.27
C PRO A 102 -2.50 -4.51 -13.98
N LYS A 103 -3.51 -4.39 -14.85
CA LYS A 103 -4.59 -3.43 -14.62
C LYS A 103 -5.35 -3.72 -13.33
N TYR A 104 -5.43 -4.98 -12.92
CA TYR A 104 -6.22 -5.39 -11.77
C TYR A 104 -5.39 -5.71 -10.54
N SER A 105 -4.12 -5.29 -10.52
CA SER A 105 -3.27 -5.54 -9.37
C SER A 105 -3.67 -4.67 -8.19
N VAL A 106 -3.82 -5.29 -7.02
CA VAL A 106 -4.28 -4.57 -5.83
C VAL A 106 -3.35 -4.83 -4.65
N ALA A 107 -2.18 -5.43 -4.90
CA ALA A 107 -1.29 -5.74 -3.79
C ALA A 107 0.15 -5.85 -4.29
N ASN A 108 1.07 -5.58 -3.38
CA ASN A 108 2.51 -5.68 -3.61
C ASN A 108 3.17 -6.13 -2.32
N ASP A 109 4.35 -6.73 -2.44
CA ASP A 109 5.19 -6.94 -1.27
C ASP A 109 6.66 -6.70 -1.64
N THR A 110 7.46 -6.43 -0.61
CA THR A 110 8.87 -6.09 -0.75
C THR A 110 9.78 -7.21 -0.28
N GLY A 111 9.28 -8.44 -0.24
CA GLY A 111 10.01 -9.59 0.26
C GLY A 111 9.22 -10.27 1.35
N PHE A 112 9.93 -11.06 2.16
CA PHE A 112 9.30 -11.79 3.24
C PHE A 112 10.33 -12.02 4.34
N VAL A 113 9.83 -12.35 5.53
CA VAL A 113 10.66 -12.58 6.69
C VAL A 113 10.32 -13.95 7.28
N ASP A 114 11.33 -14.78 7.50
CA ASP A 114 11.15 -16.09 8.10
C ASP A 114 11.37 -15.99 9.61
N ILE A 115 10.39 -16.48 10.37
CA ILE A 115 10.41 -16.45 11.83
C ILE A 115 11.29 -17.59 12.34
N PRO A 116 12.04 -17.40 13.42
CA PRO A 116 12.77 -18.52 14.01
C PRO A 116 11.82 -19.64 14.42
N LYS A 117 12.32 -20.87 14.36
CA LYS A 117 11.48 -22.03 14.57
C LYS A 117 11.22 -22.28 16.04
N GLN A 118 10.68 -21.26 16.70
CA GLN A 118 10.32 -21.37 18.13
C GLN A 118 8.92 -20.79 18.32
N GLU A 119 8.09 -21.46 19.11
CA GLU A 119 6.73 -21.00 19.32
C GLU A 119 6.70 -19.63 20.01
N LYS A 120 7.70 -19.33 20.82
CA LYS A 120 7.79 -18.00 21.42
C LYS A 120 7.96 -16.92 20.36
N ALA A 121 8.85 -17.17 19.39
CA ALA A 121 9.06 -16.21 18.31
C ALA A 121 7.81 -16.06 17.45
N LEU A 122 7.11 -17.17 17.19
CA LEU A 122 5.87 -17.11 16.44
C LEU A 122 4.82 -16.26 17.18
N MET A 123 4.73 -16.43 18.50
CA MET A 123 3.77 -15.67 19.28
C MET A 123 4.00 -14.16 19.14
N LYS A 124 5.24 -13.71 19.37
CA LYS A 124 5.55 -12.29 19.25
C LYS A 124 5.27 -11.76 17.85
N ALA A 125 5.44 -12.61 16.83
CA ALA A 125 5.13 -12.21 15.46
C ALA A 125 3.63 -12.05 15.27
N VAL A 126 2.85 -13.04 15.72
CA VAL A 126 1.40 -12.92 15.62
C VAL A 126 0.92 -11.70 16.38
N ALA A 127 1.52 -11.42 17.53
CA ALA A 127 1.06 -10.32 18.38
C ALA A 127 1.36 -8.95 17.76
N THR A 128 2.46 -8.82 17.00
CA THR A 128 2.88 -7.52 16.50
C THR A 128 2.73 -7.35 15.00
N VAL A 129 2.73 -8.42 14.22
CA VAL A 129 2.72 -8.29 12.76
C VAL A 129 1.29 -8.39 12.21
N GLY A 130 0.52 -9.35 12.69
CA GLY A 130 -0.74 -9.70 12.08
C GLY A 130 -0.76 -11.17 11.73
N PRO A 131 -1.68 -11.58 10.86
CA PRO A 131 -1.73 -12.99 10.45
C PRO A 131 -0.42 -13.47 9.84
N ILE A 132 -0.08 -14.72 10.12
CA ILE A 132 1.22 -15.30 9.80
C ILE A 132 1.01 -16.59 9.01
N SER A 133 1.73 -16.73 7.90
CA SER A 133 1.72 -17.98 7.15
C SER A 133 2.51 -19.04 7.90
N VAL A 134 1.89 -20.19 8.14
CA VAL A 134 2.56 -21.34 8.75
C VAL A 134 2.18 -22.62 8.02
N ALA A 135 3.04 -23.61 8.16
CA ALA A 135 2.80 -24.96 7.66
C ALA A 135 2.69 -25.92 8.83
N ILE A 136 1.77 -26.87 8.72
CA ILE A 136 1.50 -27.83 9.78
C ILE A 136 1.41 -29.24 9.20
N ASP A 137 1.58 -30.23 10.08
CA ASP A 137 1.36 -31.63 9.72
C ASP A 137 -0.14 -31.89 9.89
N ALA A 138 -0.87 -31.75 8.79
CA ALA A 138 -2.31 -31.97 8.78
C ALA A 138 -2.68 -33.28 8.08
N GLY A 139 -1.75 -34.22 7.99
CA GLY A 139 -1.98 -35.45 7.26
C GLY A 139 -2.52 -36.60 8.08
N HIS A 140 -3.54 -36.34 8.90
CA HIS A 140 -4.08 -37.39 9.76
C HIS A 140 -5.61 -37.31 9.77
N GLU A 141 -6.22 -38.47 9.98
CA GLU A 141 -7.68 -38.58 9.94
C GLU A 141 -8.34 -37.68 10.98
N SER A 142 -7.71 -37.50 12.14
CA SER A 142 -8.28 -36.65 13.17
C SER A 142 -8.38 -35.19 12.71
N PHE A 143 -7.39 -34.72 11.94
CA PHE A 143 -7.49 -33.38 11.39
C PHE A 143 -8.61 -33.29 10.35
N LEU A 144 -8.75 -34.31 9.51
CA LEU A 144 -9.80 -34.29 8.49
C LEU A 144 -11.18 -34.16 9.12
N PHE A 145 -11.41 -34.86 10.23
CA PHE A 145 -12.71 -34.88 10.89
C PHE A 145 -12.75 -34.00 12.13
N TYR A 146 -11.81 -33.07 12.26
CA TYR A 146 -11.85 -32.10 13.34
C TYR A 146 -13.13 -31.27 13.26
N LYS A 147 -13.79 -31.13 14.40
CA LYS A 147 -14.99 -30.31 14.49
C LYS A 147 -14.83 -29.13 15.44
N GLU A 148 -14.29 -29.37 16.63
CA GLU A 148 -14.22 -28.30 17.62
C GLU A 148 -13.17 -28.63 18.68
N GLY A 149 -12.82 -27.61 19.46
CA GLY A 149 -11.89 -27.76 20.55
C GLY A 149 -10.46 -27.52 20.14
N ILE A 150 -9.57 -27.73 21.10
CA ILE A 150 -8.14 -27.63 20.86
C ILE A 150 -7.66 -28.91 20.23
N TYR A 151 -7.12 -28.82 19.02
CA TYR A 151 -6.65 -29.99 18.30
C TYR A 151 -5.29 -30.44 18.84
N PHE A 152 -5.20 -31.72 19.18
CA PHE A 152 -3.93 -32.35 19.53
C PHE A 152 -3.90 -33.75 18.94
N GLU A 153 -2.80 -34.06 18.26
CA GLU A 153 -2.64 -35.33 17.54
C GLU A 153 -1.32 -35.97 17.97
N PRO A 154 -1.35 -37.07 18.71
CA PRO A 154 -0.10 -37.64 19.25
C PRO A 154 0.92 -38.01 18.18
N ASP A 155 0.47 -38.41 16.99
CA ASP A 155 1.38 -38.82 15.92
C ASP A 155 1.81 -37.66 15.03
N CYS A 156 1.47 -36.42 15.40
CA CYS A 156 1.87 -35.27 14.61
C CYS A 156 3.39 -35.10 14.64
N SER A 157 3.94 -34.67 13.50
CA SER A 157 5.36 -34.40 13.38
C SER A 157 5.62 -32.90 13.58
N SER A 158 6.71 -32.59 14.29
CA SER A 158 7.13 -31.22 14.45
C SER A 158 8.05 -30.74 13.34
N GLU A 159 8.46 -31.64 12.45
CA GLU A 159 9.43 -31.33 11.41
C GLU A 159 8.91 -31.58 9.99
N ASP A 160 7.97 -32.51 9.83
CA ASP A 160 7.44 -32.89 8.51
C ASP A 160 6.02 -32.37 8.38
N MET A 161 5.87 -31.28 7.62
CA MET A 161 4.57 -30.63 7.42
C MET A 161 4.13 -30.78 5.97
N ASP A 162 2.81 -30.74 5.75
CA ASP A 162 2.24 -30.92 4.42
C ASP A 162 1.15 -29.91 4.07
N HIS A 163 0.79 -28.99 4.96
CA HIS A 163 -0.39 -28.16 4.79
C HIS A 163 -0.06 -26.73 5.19
N GLY A 164 -0.29 -25.78 4.26
CA GLY A 164 -0.06 -24.39 4.52
C GLY A 164 -1.33 -23.68 4.96
N VAL A 165 -1.27 -23.07 6.13
CA VAL A 165 -2.42 -22.41 6.73
C VAL A 165 -2.00 -21.05 7.30
N LEU A 166 -2.92 -20.38 7.99
CA LEU A 166 -2.71 -19.01 8.47
C LEU A 166 -3.08 -18.91 9.94
N VAL A 167 -2.15 -18.45 10.75
CA VAL A 167 -2.42 -18.15 12.16
C VAL A 167 -2.93 -16.72 12.24
N VAL A 168 -4.14 -16.53 12.78
CA VAL A 168 -4.74 -15.21 12.93
C VAL A 168 -4.84 -14.80 14.39
N GLY A 169 -4.23 -15.54 15.29
CA GLY A 169 -4.26 -15.18 16.70
C GLY A 169 -3.96 -16.38 17.57
N TYR A 170 -4.13 -16.17 18.87
CA TYR A 170 -3.92 -17.22 19.85
C TYR A 170 -4.68 -16.88 21.13
N GLY A 171 -4.88 -17.89 21.95
CA GLY A 171 -5.59 -17.71 23.19
C GLY A 171 -5.42 -18.91 24.09
N PHE A 172 -6.26 -18.98 25.12
CA PHE A 172 -6.17 -20.04 26.11
C PHE A 172 -7.55 -20.34 26.65
N GLU A 173 -7.85 -21.64 26.78
CA GLU A 173 -8.98 -22.10 27.57
C GLU A 173 -8.44 -22.61 28.89
N SER A 174 -8.92 -22.01 29.98
CA SER A 174 -8.37 -22.26 31.31
C SER A 174 -9.25 -23.22 32.08
N THR A 175 -8.67 -24.34 32.51
CA THR A 175 -9.31 -25.24 33.44
C THR A 175 -8.69 -25.02 34.83
N GLU A 176 -9.19 -25.76 35.82
CA GLU A 176 -8.76 -25.54 37.20
C GLU A 176 -7.25 -25.72 37.35
N SER A 177 -6.67 -26.72 36.67
CA SER A 177 -5.27 -27.06 36.86
C SER A 177 -4.44 -26.93 35.59
N ASP A 178 -4.98 -26.36 34.52
CA ASP A 178 -4.25 -26.22 33.27
C ASP A 178 -4.76 -25.02 32.48
N ASN A 179 -3.82 -24.22 31.98
CA ASN A 179 -4.11 -23.25 30.93
C ASN A 179 -3.84 -23.95 29.60
N ASN A 180 -4.90 -24.39 28.93
CA ASN A 180 -4.77 -25.09 27.65
C ASN A 180 -4.72 -24.03 26.55
N LYS A 181 -3.49 -23.75 26.13
CA LYS A 181 -3.28 -22.67 25.13
C LYS A 181 -3.41 -23.20 23.70
N TYR A 182 -3.81 -22.33 22.77
CA TYR A 182 -4.06 -22.74 21.40
C TYR A 182 -3.64 -21.64 20.43
N TRP A 183 -3.31 -22.06 19.21
CA TRP A 183 -3.16 -21.16 18.07
C TRP A 183 -4.49 -21.09 17.33
N LEU A 184 -4.91 -19.88 16.97
CA LEU A 184 -6.09 -19.68 16.14
C LEU A 184 -5.66 -19.73 14.68
N VAL A 185 -6.12 -20.74 13.95
CA VAL A 185 -5.61 -21.08 12.62
C VAL A 185 -6.73 -21.08 11.61
N LYS A 186 -6.54 -20.36 10.50
CA LYS A 186 -7.53 -20.27 9.43
C LYS A 186 -7.22 -21.30 8.35
N ASN A 187 -8.09 -22.29 8.19
CA ASN A 187 -7.99 -23.28 7.14
C ASN A 187 -8.58 -22.74 5.83
N SER A 188 -8.36 -23.49 4.75
CA SER A 188 -8.93 -23.17 3.45
C SER A 188 -9.73 -24.34 2.90
N TRP A 189 -10.51 -24.98 3.76
CA TRP A 189 -11.33 -26.13 3.39
C TRP A 189 -12.82 -25.83 3.46
N GLY A 190 -13.19 -24.57 3.26
CA GLY A 190 -14.56 -24.15 3.36
C GLY A 190 -14.98 -23.89 4.79
N GLU A 191 -16.15 -23.27 4.94
CA GLU A 191 -16.64 -22.88 6.25
C GLU A 191 -17.36 -24.01 6.99
N GLU A 192 -17.61 -25.14 6.32
CA GLU A 192 -18.24 -26.28 6.97
C GLU A 192 -17.25 -27.18 7.69
N TRP A 193 -15.95 -26.95 7.54
CA TRP A 193 -14.94 -27.73 8.22
C TRP A 193 -14.53 -27.04 9.52
N GLY A 194 -14.51 -27.80 10.61
CA GLY A 194 -14.03 -27.26 11.87
C GLY A 194 -14.98 -26.23 12.47
N MET A 195 -14.40 -25.21 13.10
CA MET A 195 -15.16 -24.12 13.70
C MET A 195 -15.34 -23.01 12.66
N GLY A 196 -16.33 -23.23 11.79
CA GLY A 196 -16.59 -22.28 10.72
C GLY A 196 -15.43 -22.09 9.79
N GLY A 197 -14.65 -23.13 9.55
CA GLY A 197 -13.42 -23.03 8.78
C GLY A 197 -12.17 -22.88 9.61
N TYR A 198 -12.28 -22.87 10.93
CA TYR A 198 -11.16 -22.59 11.81
C TYR A 198 -10.84 -23.80 12.68
N VAL A 199 -9.60 -23.85 13.14
CA VAL A 199 -9.13 -24.90 14.04
C VAL A 199 -8.29 -24.23 15.13
N LYS A 200 -8.42 -24.74 16.35
CA LYS A 200 -7.59 -24.31 17.47
C LYS A 200 -6.51 -25.35 17.68
N MET A 201 -5.29 -25.04 17.25
CA MET A 201 -4.17 -25.95 17.33
C MET A 201 -3.47 -25.79 18.67
N ALA A 202 -3.10 -26.91 19.28
CA ALA A 202 -2.43 -26.88 20.57
C ALA A 202 -1.18 -26.02 20.51
N LYS A 203 -1.03 -25.14 21.51
CA LYS A 203 0.05 -24.15 21.54
C LYS A 203 0.93 -24.40 22.75
N ASP A 204 2.23 -24.11 22.59
CA ASP A 204 3.22 -24.30 23.65
C ASP A 204 3.18 -25.74 24.16
N ARG A 205 3.04 -26.68 23.24
CA ARG A 205 3.04 -28.11 23.49
C ARG A 205 4.07 -28.79 22.61
N ARG A 206 5.29 -28.25 22.63
CA ARG A 206 6.45 -28.79 21.91
C ARG A 206 6.27 -28.66 20.39
N ASN A 207 5.89 -27.47 19.95
CA ASN A 207 5.75 -27.15 18.54
C ASN A 207 4.84 -28.17 17.85
N HIS A 208 3.63 -28.30 18.39
CA HIS A 208 2.74 -29.37 17.96
C HIS A 208 2.38 -29.23 16.48
N CYS A 209 2.57 -30.32 15.73
CA CYS A 209 2.29 -30.43 14.31
C CYS A 209 3.18 -29.53 13.45
N GLY A 210 4.29 -29.03 14.02
CA GLY A 210 5.26 -28.26 13.26
C GLY A 210 4.88 -26.83 12.98
N ILE A 211 3.90 -26.28 13.72
CA ILE A 211 3.31 -24.99 13.39
C ILE A 211 4.31 -23.84 13.41
N ALA A 212 5.41 -23.98 14.16
CA ALA A 212 6.43 -22.95 14.22
C ALA A 212 7.60 -23.19 13.27
N SER A 213 7.60 -24.32 12.56
CA SER A 213 8.80 -24.74 11.83
C SER A 213 8.94 -24.06 10.47
N ALA A 214 7.85 -23.60 9.86
CA ALA A 214 7.92 -22.94 8.56
C ALA A 214 7.04 -21.69 8.53
N ALA A 215 7.16 -20.86 9.57
CA ALA A 215 6.36 -19.64 9.67
C ALA A 215 7.05 -18.47 8.99
N SER A 216 6.27 -17.67 8.26
CA SER A 216 6.80 -16.48 7.59
C SER A 216 5.64 -15.55 7.26
N TYR A 217 5.99 -14.31 6.91
CA TYR A 217 5.02 -13.31 6.51
C TYR A 217 5.65 -12.41 5.46
N PRO A 218 4.85 -11.79 4.59
CA PRO A 218 5.40 -10.85 3.62
C PRO A 218 5.59 -9.47 4.22
N THR A 219 6.53 -8.74 3.64
CA THR A 219 6.75 -7.34 3.99
C THR A 219 6.19 -6.46 2.89
N VAL A 220 5.49 -5.39 3.28
CA VAL A 220 4.85 -4.52 2.30
C VAL A 220 5.34 -3.09 2.44
N ALA B 1 -16.25 23.28 -6.76
CA ALA B 1 -15.01 22.98 -6.02
C ALA B 1 -14.62 24.19 -5.17
N PRO B 2 -13.73 24.05 -4.17
CA PRO B 2 -13.36 25.15 -3.29
C PRO B 2 -12.70 26.33 -4.01
N ARG B 3 -12.68 27.51 -3.39
CA ARG B 3 -12.06 28.72 -4.00
C ARG B 3 -10.55 28.70 -3.81
N SER B 4 -10.09 28.05 -2.75
CA SER B 4 -8.64 27.95 -2.46
C SER B 4 -8.26 26.55 -1.99
N VAL B 5 -7.21 25.99 -2.57
CA VAL B 5 -6.70 24.67 -2.20
C VAL B 5 -5.20 24.78 -2.00
N ASP B 6 -4.69 24.16 -0.93
CA ASP B 6 -3.25 24.02 -0.72
C ASP B 6 -3.01 22.64 -0.12
N TRP B 7 -2.57 21.71 -0.96
CA TRP B 7 -2.33 20.34 -0.52
C TRP B 7 -1.14 20.23 0.42
N ARG B 8 -0.24 21.22 0.42
CA ARG B 8 0.89 21.21 1.36
C ARG B 8 0.39 21.20 2.80
N GLU B 9 -0.64 22.00 3.09
CA GLU B 9 -1.16 22.10 4.44
C GLU B 9 -1.85 20.80 4.87
N LYS B 10 -2.37 20.03 3.93
CA LYS B 10 -3.02 18.77 4.24
C LYS B 10 -2.03 17.62 4.38
N GLY B 11 -0.73 17.87 4.25
CA GLY B 11 0.28 16.85 4.45
C GLY B 11 0.66 16.07 3.22
N TYR B 12 0.27 16.53 2.04
CA TYR B 12 0.45 15.77 0.80
C TYR B 12 1.79 16.02 0.12
N VAL B 13 2.61 16.95 0.61
CA VAL B 13 3.71 17.48 -0.19
C VAL B 13 5.00 17.43 0.63
N THR B 14 6.03 16.81 0.04
CA THR B 14 7.36 16.73 0.63
C THR B 14 8.10 18.05 0.47
N PRO B 15 9.22 18.23 1.18
CA PRO B 15 10.01 19.46 1.02
C PRO B 15 10.51 19.66 -0.40
N VAL B 16 10.81 20.92 -0.70
CA VAL B 16 11.32 21.32 -2.05
C VAL B 16 12.70 20.70 -2.31
N LYS B 17 12.85 20.09 -3.48
CA LYS B 17 14.09 19.48 -3.91
C LYS B 17 14.75 20.33 -5.00
N ASN B 18 15.97 19.96 -5.36
CA ASN B 18 16.77 20.67 -6.34
C ASN B 18 17.33 19.67 -7.34
N GLN B 19 16.96 19.83 -8.61
CA GLN B 19 17.43 18.91 -9.64
C GLN B 19 18.88 19.17 -10.06
N GLY B 20 19.43 20.34 -9.72
CA GLY B 20 20.78 20.63 -10.15
C GLY B 20 20.88 20.77 -11.65
N GLN B 21 22.08 20.50 -12.17
CA GLN B 21 22.36 20.65 -13.60
C GLN B 21 22.06 19.33 -14.32
N CYS B 22 20.79 18.97 -14.30
CA CYS B 22 20.31 17.75 -14.95
C CYS B 22 18.85 17.95 -15.31
N GLY B 23 18.50 17.77 -16.58
CA GLY B 23 17.13 17.99 -17.02
C GLY B 23 16.18 16.90 -16.58
N SER B 24 16.08 16.70 -15.27
CA SER B 24 15.29 15.62 -14.68
C SER B 24 14.02 16.13 -14.02
N CYS B 25 13.61 17.36 -14.32
CA CYS B 25 12.38 17.98 -13.82
C CYS B 25 11.19 17.02 -13.86
N TRP B 26 11.11 16.22 -14.92
CA TRP B 26 10.02 15.27 -15.07
C TRP B 26 10.02 14.24 -13.94
N ALA B 27 11.20 13.78 -13.53
CA ALA B 27 11.29 12.84 -12.42
C ALA B 27 10.75 13.46 -11.14
N PHE B 28 11.12 14.72 -10.87
CA PHE B 28 10.64 15.38 -9.67
C PHE B 28 9.15 15.62 -9.72
N SER B 29 8.63 16.04 -10.88
CA SER B 29 7.19 16.18 -11.03
C SER B 29 6.48 14.86 -10.81
N ALA B 30 7.04 13.77 -11.35
CA ALA B 30 6.41 12.46 -11.21
C ALA B 30 6.43 11.97 -9.77
N THR B 31 7.58 12.12 -9.09
CA THR B 31 7.64 11.70 -7.69
C THR B 31 6.69 12.50 -6.83
N GLY B 32 6.52 13.80 -7.13
CA GLY B 32 5.62 14.62 -6.34
C GLY B 32 4.18 14.18 -6.42
N ALA B 33 3.71 13.88 -7.63
CA ALA B 33 2.35 13.37 -7.79
C ALA B 33 2.18 12.02 -7.11
N LEU B 34 3.18 11.15 -7.24
CA LEU B 34 3.12 9.84 -6.59
C LEU B 34 3.18 9.98 -5.06
N GLU B 35 4.00 10.91 -4.57
CA GLU B 35 4.09 11.13 -3.12
C GLU B 35 2.73 11.55 -2.56
N GLY B 36 1.99 12.37 -3.31
CA GLY B 36 0.66 12.74 -2.87
C GLY B 36 -0.31 11.56 -2.87
N GLN B 37 -0.30 10.78 -3.95
CA GLN B 37 -1.26 9.68 -4.07
C GLN B 37 -0.97 8.57 -3.08
N MET B 38 0.30 8.34 -2.74
CA MET B 38 0.66 7.32 -1.73
C MET B 38 0.22 7.81 -0.35
N PHE B 39 0.31 9.12 -0.11
CA PHE B 39 -0.14 9.65 1.17
C PHE B 39 -1.65 9.56 1.31
N ARG B 40 -2.39 9.85 0.24
CA ARG B 40 -3.87 9.75 0.29
C ARG B 40 -4.27 8.31 0.62
N LYS B 41 -3.57 7.34 0.04
CA LYS B 41 -3.93 5.93 0.23
C LYS B 41 -3.52 5.41 1.60
N THR B 42 -2.38 5.85 2.13
CA THR B 42 -1.78 5.24 3.31
C THR B 42 -1.62 6.17 4.50
N GLY B 43 -1.65 7.49 4.31
CA GLY B 43 -1.35 8.40 5.39
C GLY B 43 0.12 8.57 5.69
N ARG B 44 1.00 7.99 4.88
CA ARG B 44 2.44 8.13 5.02
C ARG B 44 2.98 8.99 3.89
N LEU B 45 3.62 10.10 4.25
CA LEU B 45 4.35 10.92 3.30
C LEU B 45 5.81 10.45 3.31
N ILE B 46 6.25 9.89 2.19
CA ILE B 46 7.62 9.40 2.05
C ILE B 46 8.19 9.93 0.75
N SER B 47 9.36 10.56 0.83
CA SER B 47 10.02 11.06 -0.36
C SER B 47 10.49 9.91 -1.24
N LEU B 48 10.26 10.05 -2.54
CA LEU B 48 10.59 9.01 -3.52
C LEU B 48 11.86 9.37 -4.28
N SER B 49 12.39 8.40 -5.01
CA SER B 49 13.69 8.53 -5.67
C SER B 49 13.50 8.99 -7.11
N GLU B 50 13.90 10.23 -7.39
CA GLU B 50 13.99 10.69 -8.77
C GLU B 50 15.13 10.00 -9.51
N GLN B 51 16.21 9.69 -8.79
CA GLN B 51 17.39 9.05 -9.42
C GLN B 51 16.98 7.67 -9.96
N ASN B 52 16.09 7.00 -9.25
CA ASN B 52 15.54 5.70 -9.73
C ASN B 52 14.90 5.93 -11.12
N LEU B 53 14.10 6.99 -11.24
CA LEU B 53 13.46 7.23 -12.53
C LEU B 53 14.48 7.62 -13.59
N VAL B 54 15.44 8.48 -13.23
CA VAL B 54 16.40 8.98 -14.20
C VAL B 54 17.25 7.83 -14.75
N ASP B 55 17.70 6.94 -13.87
CA ASP B 55 18.59 5.85 -14.30
C ASP B 55 17.85 4.72 -15.02
N CYS B 56 16.59 4.47 -14.67
CA CYS B 56 15.97 3.19 -15.00
C CYS B 56 14.78 3.26 -15.95
N SER B 57 14.18 4.43 -16.19
CA SER B 57 12.94 4.51 -16.95
C SER B 57 13.17 4.71 -18.44
N GLY B 58 14.34 4.33 -18.96
CA GLY B 58 14.63 4.43 -20.38
C GLY B 58 13.74 3.59 -21.28
N PRO B 59 13.52 2.32 -20.93
CA PRO B 59 12.66 1.46 -21.77
C PRO B 59 11.25 1.98 -21.93
N GLN B 60 10.76 2.81 -21.00
CA GLN B 60 9.42 3.37 -21.12
C GLN B 60 9.37 4.64 -21.96
N GLY B 61 10.52 5.23 -22.28
CA GLY B 61 10.56 6.36 -23.20
C GLY B 61 11.34 7.56 -22.72
N ASN B 62 11.82 7.54 -21.48
CA ASN B 62 12.46 8.71 -20.90
C ASN B 62 13.95 8.75 -21.23
N GLU B 63 14.53 9.95 -21.06
CA GLU B 63 15.89 10.22 -21.53
C GLU B 63 16.77 10.82 -20.45
N GLY B 64 16.54 10.45 -19.19
CA GLY B 64 17.46 10.81 -18.12
C GLY B 64 17.60 12.32 -17.95
N CYS B 65 18.85 12.79 -17.92
CA CYS B 65 19.12 14.21 -17.76
C CYS B 65 18.82 15.02 -19.01
N ASN B 66 18.46 14.37 -20.11
CA ASN B 66 18.06 15.07 -21.33
C ASN B 66 16.54 15.18 -21.47
N GLY B 67 15.79 14.82 -20.43
CA GLY B 67 14.36 15.05 -20.40
C GLY B 67 13.57 13.76 -20.30
N GLY B 68 12.26 13.93 -20.21
CA GLY B 68 11.35 12.80 -20.10
C GLY B 68 9.92 13.28 -19.95
N LEU B 69 9.02 12.32 -19.74
CA LEU B 69 7.61 12.61 -19.54
C LEU B 69 7.12 11.96 -18.26
N MET B 70 6.30 12.69 -17.50
CA MET B 70 5.75 12.17 -16.26
C MET B 70 4.93 10.92 -16.49
N ASP B 71 4.21 10.85 -17.62
CA ASP B 71 3.45 9.65 -17.95
C ASP B 71 4.37 8.44 -18.08
N TYR B 72 5.51 8.60 -18.74
CA TYR B 72 6.47 7.50 -18.87
C TYR B 72 7.01 7.07 -17.52
N ALA B 73 7.20 8.02 -16.60
CA ALA B 73 7.65 7.66 -15.27
C ALA B 73 6.58 6.88 -14.51
N PHE B 74 5.31 7.30 -14.65
CA PHE B 74 4.23 6.52 -14.05
C PHE B 74 4.17 5.12 -14.64
N GLN B 75 4.38 5.00 -15.95
CA GLN B 75 4.39 3.69 -16.59
C GLN B 75 5.55 2.84 -16.08
N TYR B 76 6.70 3.46 -15.83
CA TYR B 76 7.83 2.71 -15.29
C TYR B 76 7.48 2.10 -13.94
N VAL B 77 6.87 2.89 -13.06
CA VAL B 77 6.53 2.41 -11.73
C VAL B 77 5.62 1.19 -11.82
N GLN B 78 4.62 1.26 -12.70
CA GLN B 78 3.74 0.11 -12.91
C GLN B 78 4.50 -1.08 -13.49
N ASP B 79 5.25 -0.85 -14.56
CA ASP B 79 6.03 -1.93 -15.17
C ASP B 79 7.04 -2.50 -14.19
N ASN B 80 7.82 -1.63 -13.56
CA ASN B 80 8.90 -2.07 -12.69
C ASN B 80 8.40 -2.79 -11.45
N GLY B 81 7.15 -2.56 -11.06
CA GLY B 81 6.63 -3.13 -9.83
C GLY B 81 6.96 -2.36 -8.58
N GLY B 82 7.56 -1.19 -8.69
CA GLY B 82 7.85 -0.40 -7.52
C GLY B 82 8.72 0.80 -7.85
N LEU B 83 9.03 1.56 -6.80
CA LEU B 83 9.90 2.73 -6.90
C LEU B 83 10.57 2.93 -5.55
N ASP B 84 11.90 2.98 -5.55
CA ASP B 84 12.64 3.07 -4.31
C ASP B 84 12.47 4.42 -3.64
N SER B 85 12.70 4.43 -2.33
CA SER B 85 12.64 5.67 -1.57
C SER B 85 13.86 6.52 -1.85
N GLU B 86 13.69 7.84 -1.65
CA GLU B 86 14.80 8.78 -1.75
C GLU B 86 15.96 8.35 -0.85
N GLU B 87 15.65 7.93 0.38
CA GLU B 87 16.68 7.53 1.33
C GLU B 87 17.55 6.42 0.77
N SER B 88 16.93 5.39 0.20
CA SER B 88 17.70 4.25 -0.28
C SER B 88 18.40 4.55 -1.60
N TYR B 89 17.83 5.43 -2.44
CA TYR B 89 18.31 5.69 -3.79
C TYR B 89 18.44 7.20 -3.94
N PRO B 90 19.49 7.80 -3.38
CA PRO B 90 19.58 9.26 -3.30
C PRO B 90 19.88 9.90 -4.65
N TYR B 91 19.52 11.19 -4.74
CA TYR B 91 19.62 11.93 -5.99
C TYR B 91 21.06 12.39 -6.23
N GLU B 92 21.62 12.02 -7.38
CA GLU B 92 22.99 12.33 -7.74
C GLU B 92 23.12 13.41 -8.80
N ALA B 93 22.02 13.79 -9.46
CA ALA B 93 22.01 14.77 -10.55
C ALA B 93 22.87 14.32 -11.73
N THR B 94 22.98 13.02 -11.94
CA THR B 94 23.69 12.47 -13.08
C THR B 94 22.99 11.19 -13.55
N GLU B 95 23.34 10.75 -14.75
CA GLU B 95 22.80 9.53 -15.33
C GLU B 95 23.74 8.38 -15.04
N GLU B 96 23.21 7.31 -14.43
CA GLU B 96 23.99 6.14 -14.08
C GLU B 96 23.22 4.88 -14.45
N SER B 97 23.92 3.75 -14.42
CA SER B 97 23.28 2.46 -14.64
C SER B 97 22.25 2.22 -13.55
N CYS B 98 21.16 1.52 -13.92
CA CYS B 98 20.07 1.30 -12.99
C CYS B 98 20.54 0.52 -11.78
N LYS B 99 20.17 1.00 -10.59
CA LYS B 99 20.45 0.29 -9.34
C LYS B 99 19.16 0.01 -8.57
N TYR B 100 18.05 -0.16 -9.29
CA TYR B 100 16.78 -0.43 -8.62
C TYR B 100 16.89 -1.68 -7.75
N ASN B 101 16.35 -1.60 -6.56
CA ASN B 101 16.34 -2.72 -5.62
C ASN B 101 14.90 -2.91 -5.17
N PRO B 102 14.25 -4.02 -5.51
CA PRO B 102 12.84 -4.19 -5.13
C PRO B 102 12.62 -4.16 -3.63
N LYS B 103 13.64 -4.52 -2.85
CA LYS B 103 13.50 -4.53 -1.40
C LYS B 103 13.18 -3.15 -0.83
N TYR B 104 13.65 -2.09 -1.50
CA TYR B 104 13.50 -0.74 -1.01
C TYR B 104 12.37 0.04 -1.67
N SER B 105 11.52 -0.64 -2.43
CA SER B 105 10.36 0.02 -3.02
C SER B 105 9.38 0.46 -1.93
N VAL B 106 8.93 1.70 -2.01
CA VAL B 106 7.96 2.23 -1.06
C VAL B 106 6.72 2.80 -1.77
N ALA B 107 6.64 2.65 -3.09
CA ALA B 107 5.52 3.20 -3.84
C ALA B 107 5.17 2.27 -4.99
N ASN B 108 3.92 2.38 -5.44
CA ASN B 108 3.39 1.58 -6.53
C ASN B 108 2.32 2.39 -7.24
N ASP B 109 2.04 2.03 -8.49
CA ASP B 109 0.89 2.61 -9.18
C ASP B 109 0.35 1.60 -10.20
N THR B 110 -0.91 1.82 -10.60
CA THR B 110 -1.62 0.94 -11.50
C THR B 110 -2.03 1.63 -12.79
N GLY B 111 -1.35 2.71 -13.15
CA GLY B 111 -1.62 3.45 -14.36
C GLY B 111 -1.56 4.94 -14.08
N PHE B 112 -2.14 5.72 -14.99
CA PHE B 112 -2.19 7.16 -14.82
C PHE B 112 -3.41 7.70 -15.56
N VAL B 113 -3.84 8.89 -15.15
CA VAL B 113 -5.00 9.56 -15.73
C VAL B 113 -4.53 10.86 -16.36
N ASP B 114 -4.90 11.06 -17.62
CA ASP B 114 -4.62 12.30 -18.34
C ASP B 114 -5.84 13.21 -18.26
N ILE B 115 -5.65 14.40 -17.71
CA ILE B 115 -6.71 15.38 -17.55
C ILE B 115 -6.98 16.09 -18.87
N PRO B 116 -8.23 16.36 -19.22
CA PRO B 116 -8.51 17.14 -20.43
C PRO B 116 -7.77 18.47 -20.40
N LYS B 117 -7.44 18.98 -21.59
CA LYS B 117 -6.57 20.15 -21.72
C LYS B 117 -7.40 21.43 -21.57
N GLN B 118 -7.86 21.64 -20.35
CA GLN B 118 -8.64 22.85 -20.02
C GLN B 118 -8.43 23.12 -18.54
N GLU B 119 -8.25 24.39 -18.19
CA GLU B 119 -7.95 24.76 -16.80
C GLU B 119 -9.10 24.41 -15.87
N LYS B 120 -10.33 24.40 -16.37
CA LYS B 120 -11.45 23.94 -15.56
C LYS B 120 -11.27 22.49 -15.14
N ALA B 121 -10.81 21.65 -16.06
CA ALA B 121 -10.54 20.23 -15.75
C ALA B 121 -9.37 20.14 -14.77
N LEU B 122 -8.34 20.96 -14.97
CA LEU B 122 -7.22 20.94 -14.04
C LEU B 122 -7.68 21.32 -12.63
N MET B 123 -8.53 22.35 -12.53
CA MET B 123 -8.96 22.82 -11.21
C MET B 123 -9.76 21.75 -10.47
N LYS B 124 -10.66 21.09 -11.18
CA LYS B 124 -11.48 20.00 -10.59
C LYS B 124 -10.58 18.87 -10.10
N ALA B 125 -9.53 18.57 -10.87
CA ALA B 125 -8.62 17.49 -10.52
C ALA B 125 -7.80 17.84 -9.28
N VAL B 126 -7.24 19.05 -9.26
CA VAL B 126 -6.47 19.49 -8.11
C VAL B 126 -7.33 19.51 -6.85
N ALA B 127 -8.60 19.93 -7.00
CA ALA B 127 -9.49 20.02 -5.85
C ALA B 127 -9.83 18.64 -5.29
N THR B 128 -9.96 17.64 -6.15
CA THR B 128 -10.47 16.34 -5.73
C THR B 128 -9.44 15.23 -5.65
N VAL B 129 -8.32 15.34 -6.36
CA VAL B 129 -7.34 14.25 -6.44
C VAL B 129 -6.14 14.50 -5.56
N GLY B 130 -5.56 15.70 -5.63
CA GLY B 130 -4.33 16.00 -4.96
C GLY B 130 -3.37 16.71 -5.91
N PRO B 131 -2.08 16.76 -5.56
CA PRO B 131 -1.10 17.37 -6.46
C PRO B 131 -1.10 16.70 -7.83
N ILE B 132 -0.93 17.52 -8.86
CA ILE B 132 -1.07 17.10 -10.25
C ILE B 132 0.22 17.43 -10.99
N SER B 133 0.77 16.43 -11.68
CA SER B 133 1.90 16.67 -12.57
C SER B 133 1.43 17.50 -13.76
N VAL B 134 2.14 18.60 -14.04
CA VAL B 134 1.86 19.44 -15.21
C VAL B 134 3.18 19.85 -15.84
N ALA B 135 3.11 20.23 -17.10
CA ALA B 135 4.25 20.77 -17.84
C ALA B 135 3.94 22.20 -18.24
N ILE B 136 4.92 23.09 -18.08
CA ILE B 136 4.75 24.50 -18.39
C ILE B 136 5.91 24.96 -19.28
N ASP B 137 5.66 26.05 -19.99
CA ASP B 137 6.72 26.73 -20.75
C ASP B 137 7.47 27.61 -19.76
N ALA B 138 8.67 27.16 -19.37
CA ALA B 138 9.51 27.89 -18.42
C ALA B 138 10.78 28.43 -19.05
N GLY B 139 10.84 28.48 -20.38
CA GLY B 139 12.07 28.83 -21.06
C GLY B 139 12.30 30.32 -21.27
N HIS B 140 12.08 31.13 -20.24
CA HIS B 140 12.26 32.56 -20.33
C HIS B 140 12.96 33.09 -19.09
N GLU B 141 13.78 34.12 -19.27
CA GLU B 141 14.56 34.68 -18.17
C GLU B 141 13.68 35.22 -17.05
N SER B 142 12.44 35.61 -17.35
CA SER B 142 11.55 36.06 -16.28
C SER B 142 11.21 34.93 -15.32
N PHE B 143 11.08 33.70 -15.82
CA PHE B 143 10.83 32.56 -14.94
C PHE B 143 12.09 32.18 -14.19
N LEU B 144 13.25 32.27 -14.83
CA LEU B 144 14.51 31.99 -14.16
C LEU B 144 14.69 32.88 -12.93
N PHE B 145 14.36 34.17 -13.07
CA PHE B 145 14.60 35.15 -12.03
C PHE B 145 13.33 35.50 -11.26
N TYR B 146 12.33 34.62 -11.28
CA TYR B 146 11.11 34.83 -10.53
C TYR B 146 11.40 34.82 -9.04
N LYS B 147 10.78 35.75 -8.32
CA LYS B 147 10.94 35.85 -6.87
C LYS B 147 9.64 35.67 -6.10
N GLU B 148 8.63 36.48 -6.42
CA GLU B 148 7.34 36.47 -5.69
C GLU B 148 6.25 37.02 -6.59
N GLY B 149 5.00 36.78 -6.23
CA GLY B 149 3.87 37.32 -6.97
C GLY B 149 3.30 36.32 -7.96
N ILE B 150 2.26 36.76 -8.64
CA ILE B 150 1.63 35.95 -9.68
C ILE B 150 2.47 36.06 -10.94
N TYR B 151 3.14 34.97 -11.31
CA TYR B 151 3.95 34.97 -12.53
C TYR B 151 3.07 35.06 -13.76
N PHE B 152 3.35 36.04 -14.62
CA PHE B 152 2.69 36.13 -15.92
C PHE B 152 3.73 36.57 -16.94
N GLU B 153 3.90 35.78 -17.99
CA GLU B 153 4.87 36.03 -19.05
C GLU B 153 4.14 36.21 -20.37
N PRO B 154 4.06 37.43 -20.93
CA PRO B 154 3.31 37.63 -22.18
C PRO B 154 3.86 36.84 -23.36
N ASP B 155 5.07 36.33 -23.26
CA ASP B 155 5.69 35.56 -24.37
C ASP B 155 5.44 34.06 -24.20
N CYS B 156 4.72 33.63 -23.17
CA CYS B 156 4.56 32.22 -22.87
C CYS B 156 3.69 31.52 -23.93
N SER B 157 3.94 30.22 -24.09
CA SER B 157 3.21 29.38 -25.03
C SER B 157 2.25 28.46 -24.28
N SER B 158 1.03 28.32 -24.80
CA SER B 158 0.06 27.39 -24.24
C SER B 158 0.20 25.98 -24.80
N GLU B 159 0.99 25.79 -25.86
CA GLU B 159 1.07 24.53 -26.56
C GLU B 159 2.48 23.93 -26.56
N ASP B 160 3.50 24.71 -26.24
CA ASP B 160 4.90 24.31 -26.35
C ASP B 160 5.56 24.44 -24.97
N MET B 161 5.57 23.34 -24.20
CA MET B 161 6.13 23.35 -22.85
C MET B 161 7.44 22.59 -22.81
N ASP B 162 8.24 22.89 -21.78
CA ASP B 162 9.55 22.27 -21.64
C ASP B 162 9.90 21.90 -20.21
N HIS B 163 9.00 22.06 -19.24
CA HIS B 163 9.36 21.97 -17.83
C HIS B 163 8.26 21.26 -17.06
N GLY B 164 8.59 20.13 -16.44
CA GLY B 164 7.65 19.38 -15.63
C GLY B 164 7.65 19.81 -14.17
N VAL B 165 6.49 20.25 -13.68
CA VAL B 165 6.34 20.76 -12.32
C VAL B 165 5.09 20.16 -11.69
N LEU B 166 4.75 20.62 -10.49
CA LEU B 166 3.67 20.03 -9.70
C LEU B 166 2.73 21.12 -9.20
N VAL B 167 1.45 21.00 -9.54
CA VAL B 167 0.43 21.90 -9.01
C VAL B 167 -0.06 21.33 -7.70
N VAL B 168 0.17 22.07 -6.61
CA VAL B 168 -0.21 21.63 -5.27
C VAL B 168 -1.43 22.37 -4.75
N GLY B 169 -2.06 23.19 -5.59
CA GLY B 169 -3.21 23.96 -5.18
C GLY B 169 -3.44 25.12 -6.10
N TYR B 170 -4.31 26.03 -5.66
CA TYR B 170 -4.67 27.21 -6.43
C TYR B 170 -5.39 28.18 -5.51
N GLY B 171 -5.33 29.46 -5.86
CA GLY B 171 -5.95 30.47 -5.04
C GLY B 171 -6.22 31.74 -5.80
N PHE B 172 -6.48 32.81 -5.05
CA PHE B 172 -6.75 34.11 -5.63
C PHE B 172 -6.15 35.20 -4.75
N GLU B 173 -5.90 36.36 -5.35
CA GLU B 173 -5.38 37.54 -4.67
C GLU B 173 -6.34 38.70 -4.88
N SER B 174 -7.38 38.77 -4.07
CA SER B 174 -8.39 39.82 -4.21
C SER B 174 -7.84 41.16 -3.74
N ASN B 179 -7.63 40.29 -12.82
CA ASN B 179 -6.89 39.03 -12.88
C ASN B 179 -6.08 38.79 -11.60
N ASN B 180 -6.53 37.83 -10.78
CA ASN B 180 -5.91 37.61 -9.48
C ASN B 180 -5.82 36.14 -9.09
N LYS B 181 -6.21 35.22 -9.98
CA LYS B 181 -6.22 33.79 -9.64
C LYS B 181 -4.91 33.15 -10.10
N TYR B 182 -4.41 32.21 -9.29
CA TYR B 182 -3.11 31.61 -9.55
C TYR B 182 -3.15 30.12 -9.26
N TRP B 183 -2.23 29.40 -9.91
CA TRP B 183 -1.93 28.02 -9.55
C TRP B 183 -0.73 28.01 -8.62
N LEU B 184 -0.82 27.25 -7.53
CA LEU B 184 0.30 27.07 -6.61
C LEU B 184 1.14 25.90 -7.11
N VAL B 185 2.36 26.20 -7.56
CA VAL B 185 3.18 25.26 -8.32
C VAL B 185 4.47 25.01 -7.56
N LYS B 186 4.80 23.72 -7.37
CA LYS B 186 6.06 23.32 -6.75
C LYS B 186 7.11 23.09 -7.82
N ASN B 187 8.17 23.89 -7.79
CA ASN B 187 9.32 23.75 -8.67
C ASN B 187 10.36 22.83 -8.02
N SER B 188 11.37 22.47 -8.80
CA SER B 188 12.44 21.59 -8.33
C SER B 188 13.80 22.27 -8.48
N TRP B 189 13.85 23.58 -8.27
CA TRP B 189 15.10 24.34 -8.38
C TRP B 189 15.61 24.79 -7.01
N GLY B 190 15.22 24.10 -5.95
CA GLY B 190 15.69 24.43 -4.62
C GLY B 190 14.84 25.47 -3.93
N GLU B 191 15.10 25.65 -2.64
CA GLU B 191 14.33 26.57 -1.82
C GLU B 191 14.69 28.04 -2.05
N GLU B 192 15.88 28.32 -2.59
CA GLU B 192 16.31 29.72 -2.85
C GLU B 192 15.53 30.35 -4.01
N TRP B 193 14.98 29.53 -4.90
CA TRP B 193 14.28 30.05 -6.07
C TRP B 193 12.83 30.37 -5.73
N GLY B 194 12.36 31.54 -6.20
CA GLY B 194 10.98 31.92 -6.02
C GLY B 194 10.62 32.10 -4.56
N MET B 195 9.37 31.77 -4.22
CA MET B 195 8.91 31.83 -2.84
C MET B 195 9.10 30.46 -2.21
N GLY B 196 10.28 30.25 -1.65
CA GLY B 196 10.59 28.98 -1.02
C GLY B 196 10.50 27.80 -1.96
N GLY B 197 10.88 28.00 -3.22
CA GLY B 197 10.86 26.94 -4.25
C GLY B 197 9.52 26.85 -4.95
N TYR B 198 8.58 27.74 -4.58
CA TYR B 198 7.23 27.69 -5.18
C TYR B 198 6.99 28.90 -6.07
N VAL B 199 6.08 28.79 -7.02
CA VAL B 199 5.69 29.87 -7.92
C VAL B 199 4.17 29.86 -8.07
N LYS B 200 3.56 31.05 -7.96
CA LYS B 200 2.16 31.23 -8.32
C LYS B 200 2.08 31.54 -9.81
N MET B 201 1.46 30.63 -10.56
CA MET B 201 1.31 30.76 -12.00
C MET B 201 -0.08 31.30 -12.31
N ALA B 202 -0.15 32.30 -13.17
CA ALA B 202 -1.41 32.93 -13.50
C ALA B 202 -2.44 31.90 -13.95
N LYS B 203 -3.63 31.98 -13.36
CA LYS B 203 -4.67 30.97 -13.53
C LYS B 203 -5.86 31.58 -14.25
N ASP B 204 -6.52 30.76 -15.08
CA ASP B 204 -7.69 31.17 -15.86
C ASP B 204 -7.38 32.39 -16.71
N ARG B 205 -6.20 32.39 -17.33
CA ARG B 205 -5.85 33.35 -18.37
C ARG B 205 -5.39 32.53 -19.57
N ARG B 206 -6.37 32.03 -20.32
CA ARG B 206 -6.15 31.26 -21.55
C ARG B 206 -5.01 30.25 -21.44
N ASN B 207 -5.07 29.45 -20.37
CA ASN B 207 -4.12 28.35 -20.15
C ASN B 207 -2.68 28.86 -20.24
N HIS B 208 -2.37 29.82 -19.38
CA HIS B 208 -1.08 30.50 -19.45
C HIS B 208 0.07 29.53 -19.28
N CYS B 209 1.07 29.64 -20.16
CA CYS B 209 2.28 28.82 -20.16
C CYS B 209 1.96 27.33 -20.28
N GLY B 210 0.75 26.98 -20.72
CA GLY B 210 0.41 25.60 -21.00
C GLY B 210 0.21 24.71 -19.79
N ILE B 211 -0.14 25.27 -18.63
CA ILE B 211 -0.17 24.50 -17.39
C ILE B 211 -1.20 23.37 -17.46
N ALA B 212 -2.24 23.50 -18.29
CA ALA B 212 -3.28 22.49 -18.38
C ALA B 212 -3.12 21.58 -19.60
N SER B 213 -2.09 21.76 -20.41
CA SER B 213 -2.00 21.02 -21.67
C SER B 213 -1.36 19.65 -21.52
N ALA B 214 -0.62 19.39 -20.44
CA ALA B 214 0.02 18.10 -20.22
C ALA B 214 -0.10 17.66 -18.76
N ALA B 215 -1.30 17.80 -18.20
CA ALA B 215 -1.53 17.46 -16.80
C ALA B 215 -1.90 15.98 -16.67
N SER B 216 -1.35 15.34 -15.62
CA SER B 216 -1.65 13.93 -15.34
C SER B 216 -1.27 13.61 -13.90
N TYR B 217 -1.78 12.48 -13.42
CA TYR B 217 -1.49 11.99 -12.08
C TYR B 217 -1.55 10.47 -12.10
N PRO B 218 -0.83 9.78 -11.22
CA PRO B 218 -0.87 8.32 -11.19
C PRO B 218 -2.06 7.80 -10.40
N THR B 219 -2.40 6.54 -10.66
CA THR B 219 -3.43 5.83 -9.91
C THR B 219 -2.76 4.80 -9.02
N VAL B 220 -3.17 4.75 -7.75
CA VAL B 220 -2.53 3.87 -6.79
C VAL B 220 -3.52 2.91 -6.16
N ALA C 1 -25.25 3.98 -36.62
CA ALA C 1 -25.22 2.98 -35.56
C ALA C 1 -25.08 1.58 -36.13
N PRO C 2 -24.40 0.70 -35.40
CA PRO C 2 -24.27 -0.69 -35.84
C PRO C 2 -25.62 -1.39 -35.80
N ARG C 3 -25.71 -2.48 -36.56
CA ARG C 3 -26.94 -3.27 -36.57
C ARG C 3 -27.10 -4.11 -35.31
N SER C 4 -26.01 -4.38 -34.58
CA SER C 4 -26.10 -5.10 -33.32
C SER C 4 -24.96 -4.66 -32.40
N VAL C 5 -25.25 -4.66 -31.10
CA VAL C 5 -24.32 -4.20 -30.07
C VAL C 5 -24.44 -5.15 -28.88
N ASP C 6 -23.31 -5.45 -28.25
CA ASP C 6 -23.32 -6.27 -27.03
C ASP C 6 -22.12 -5.84 -26.18
N TRP C 7 -22.39 -4.98 -25.19
CA TRP C 7 -21.32 -4.44 -24.36
C TRP C 7 -20.72 -5.47 -23.42
N ARG C 8 -21.39 -6.60 -23.20
CA ARG C 8 -20.79 -7.67 -22.41
C ARG C 8 -19.52 -8.18 -23.05
N GLU C 9 -19.50 -8.29 -24.38
CA GLU C 9 -18.34 -8.83 -25.08
C GLU C 9 -17.16 -7.86 -25.07
N LYS C 10 -17.41 -6.57 -24.91
CA LYS C 10 -16.35 -5.59 -24.81
C LYS C 10 -15.89 -5.36 -23.38
N GLY C 11 -16.42 -6.11 -22.42
CA GLY C 11 -15.95 -6.06 -21.05
C GLY C 11 -16.62 -5.04 -20.16
N TYR C 12 -17.76 -4.48 -20.58
CA TYR C 12 -18.42 -3.41 -19.85
C TYR C 12 -19.34 -3.90 -18.73
N VAL C 13 -19.60 -5.21 -18.62
CA VAL C 13 -20.71 -5.71 -17.82
C VAL C 13 -20.20 -6.75 -16.83
N THR C 14 -20.63 -6.64 -15.58
CA THR C 14 -20.34 -7.60 -14.52
C THR C 14 -21.34 -8.75 -14.56
N PRO C 15 -21.07 -9.84 -13.84
CA PRO C 15 -22.02 -10.96 -13.81
C PRO C 15 -23.37 -10.55 -13.23
N VAL C 16 -24.38 -11.35 -13.58
CA VAL C 16 -25.75 -11.08 -13.15
C VAL C 16 -25.86 -11.21 -11.64
N LYS C 17 -26.60 -10.29 -11.03
CA LYS C 17 -26.82 -10.28 -9.59
C LYS C 17 -28.28 -10.58 -9.28
N ASN C 18 -28.57 -10.73 -7.99
CA ASN C 18 -29.90 -11.09 -7.51
C ASN C 18 -30.30 -10.12 -6.39
N GLN C 19 -31.35 -9.34 -6.63
CA GLN C 19 -31.84 -8.41 -5.62
C GLN C 19 -32.59 -9.11 -4.50
N GLY C 20 -32.96 -10.38 -4.66
CA GLY C 20 -33.64 -11.08 -3.60
C GLY C 20 -34.98 -10.46 -3.25
N GLN C 21 -35.27 -10.44 -1.96
CA GLN C 21 -36.57 -10.09 -1.42
C GLN C 21 -36.63 -8.59 -1.11
N CYS C 22 -36.29 -7.76 -2.10
CA CYS C 22 -36.16 -6.34 -1.85
C CYS C 22 -36.28 -5.58 -3.16
N GLY C 23 -37.12 -4.54 -3.17
CA GLY C 23 -37.37 -3.74 -4.36
C GLY C 23 -36.26 -2.78 -4.65
N SER C 24 -35.03 -3.29 -4.76
CA SER C 24 -33.83 -2.49 -4.96
C SER C 24 -33.38 -2.47 -6.41
N CYS C 25 -34.26 -2.85 -7.34
CA CYS C 25 -33.88 -2.96 -8.75
C CYS C 25 -33.21 -1.70 -9.27
N TRP C 26 -33.70 -0.54 -8.84
CA TRP C 26 -33.13 0.73 -9.27
C TRP C 26 -31.65 0.82 -8.94
N ALA C 27 -31.23 0.26 -7.81
CA ALA C 27 -29.83 0.30 -7.45
C ALA C 27 -28.99 -0.59 -8.36
N PHE C 28 -29.50 -1.77 -8.69
CA PHE C 28 -28.76 -2.65 -9.59
C PHE C 28 -28.66 -2.07 -10.99
N SER C 29 -29.73 -1.44 -11.46
CA SER C 29 -29.67 -0.77 -12.77
C SER C 29 -28.65 0.36 -12.76
N ALA C 30 -28.63 1.15 -11.68
CA ALA C 30 -27.69 2.26 -11.60
C ALA C 30 -26.25 1.79 -11.49
N THR C 31 -25.99 0.78 -10.64
CA THR C 31 -24.64 0.25 -10.53
C THR C 31 -24.16 -0.37 -11.84
N GLY C 32 -25.06 -0.99 -12.59
CA GLY C 32 -24.68 -1.53 -13.88
C GLY C 32 -24.27 -0.46 -14.88
N ALA C 33 -25.01 0.65 -14.91
CA ALA C 33 -24.63 1.76 -15.78
C ALA C 33 -23.30 2.36 -15.35
N LEU C 34 -23.09 2.53 -14.05
CA LEU C 34 -21.85 3.11 -13.55
C LEU C 34 -20.68 2.17 -13.80
N GLU C 35 -20.87 0.86 -13.62
CA GLU C 35 -19.81 -0.10 -13.93
C GLU C 35 -19.37 0.02 -15.38
N GLY C 36 -20.30 0.22 -16.30
CA GLY C 36 -19.94 0.38 -17.71
C GLY C 36 -19.21 1.67 -17.98
N GLN C 37 -19.69 2.78 -17.42
CA GLN C 37 -19.03 4.07 -17.64
C GLN C 37 -17.69 4.14 -16.93
N MET C 38 -17.58 3.50 -15.77
CA MET C 38 -16.28 3.40 -15.11
C MET C 38 -15.30 2.59 -15.97
N PHE C 39 -15.76 1.48 -16.54
CA PHE C 39 -14.90 0.67 -17.39
C PHE C 39 -14.49 1.42 -18.65
N ARG C 40 -15.38 2.25 -19.19
CA ARG C 40 -15.00 3.05 -20.35
C ARG C 40 -13.93 4.08 -19.99
N LYS C 41 -14.00 4.62 -18.78
CA LYS C 41 -13.03 5.63 -18.35
C LYS C 41 -11.67 5.02 -18.03
N THR C 42 -11.66 3.85 -17.40
CA THR C 42 -10.46 3.32 -16.76
C THR C 42 -9.94 2.01 -17.34
N GLY C 43 -10.78 1.23 -18.00
CA GLY C 43 -10.40 -0.12 -18.38
C GLY C 43 -10.49 -1.13 -17.25
N ARG C 44 -11.00 -0.72 -16.09
CA ARG C 44 -11.12 -1.57 -14.91
C ARG C 44 -12.59 -1.84 -14.64
N LEU C 45 -12.96 -3.11 -14.57
CA LEU C 45 -14.33 -3.52 -14.25
C LEU C 45 -14.38 -3.94 -12.79
N ILE C 46 -15.06 -3.15 -11.97
CA ILE C 46 -15.24 -3.44 -10.55
C ILE C 46 -16.74 -3.43 -10.24
N SER C 47 -17.21 -4.50 -9.62
CA SER C 47 -18.60 -4.56 -9.18
C SER C 47 -18.82 -3.56 -8.05
N LEU C 48 -19.92 -2.81 -8.13
CA LEU C 48 -20.21 -1.74 -7.20
C LEU C 48 -21.34 -2.13 -6.25
N SER C 49 -21.40 -1.43 -5.11
CA SER C 49 -22.25 -1.81 -3.99
C SER C 49 -23.64 -1.25 -4.18
N GLU C 50 -24.63 -2.13 -4.37
CA GLU C 50 -26.03 -1.69 -4.38
C GLU C 50 -26.50 -1.37 -2.96
N GLN C 51 -25.97 -2.07 -1.96
CA GLN C 51 -26.36 -1.80 -0.58
C GLN C 51 -26.00 -0.37 -0.19
N ASN C 52 -24.89 0.12 -0.70
CA ASN C 52 -24.48 1.52 -0.46
C ASN C 52 -25.62 2.44 -0.89
N LEU C 53 -26.08 2.27 -2.13
CA LEU C 53 -27.14 3.12 -2.64
C LEU C 53 -28.42 2.97 -1.82
N VAL C 54 -28.77 1.74 -1.45
CA VAL C 54 -29.99 1.49 -0.70
C VAL C 54 -29.93 2.19 0.65
N ASP C 55 -28.80 2.07 1.33
CA ASP C 55 -28.68 2.58 2.70
C ASP C 55 -28.52 4.09 2.74
N CYS C 56 -27.95 4.71 1.71
CA CYS C 56 -27.44 6.07 1.83
C CYS C 56 -28.09 7.09 0.91
N SER C 57 -28.81 6.68 -0.14
CA SER C 57 -29.36 7.64 -1.10
C SER C 57 -30.76 8.09 -0.74
N GLY C 58 -31.16 7.96 0.52
CA GLY C 58 -32.41 8.51 1.00
C GLY C 58 -32.57 10.01 0.80
N PRO C 59 -31.53 10.80 1.14
CA PRO C 59 -31.64 12.25 0.92
C PRO C 59 -31.90 12.64 -0.52
N GLN C 60 -31.44 11.85 -1.50
CA GLN C 60 -31.63 12.20 -2.89
C GLN C 60 -33.00 11.82 -3.43
N GLY C 61 -33.81 11.10 -2.65
CA GLY C 61 -35.17 10.78 -3.03
C GLY C 61 -35.49 9.29 -3.06
N ASN C 62 -34.51 8.41 -2.94
CA ASN C 62 -34.76 6.99 -3.08
C ASN C 62 -35.37 6.43 -1.79
N GLU C 63 -35.99 5.26 -1.92
CA GLU C 63 -36.77 4.65 -0.84
C GLU C 63 -36.39 3.19 -0.64
N GLY C 64 -35.10 2.89 -0.75
CA GLY C 64 -34.58 1.60 -0.32
C GLY C 64 -35.26 0.42 -1.02
N CYS C 65 -35.72 -0.54 -0.23
CA CYS C 65 -36.42 -1.71 -0.73
C CYS C 65 -37.83 -1.41 -1.21
N ASN C 66 -38.32 -0.19 -1.01
CA ASN C 66 -39.62 0.23 -1.51
C ASN C 66 -39.51 1.00 -2.82
N GLY C 67 -38.33 1.02 -3.44
CA GLY C 67 -38.17 1.56 -4.76
C GLY C 67 -37.33 2.83 -4.78
N GLY C 68 -36.97 3.23 -5.98
CA GLY C 68 -36.18 4.42 -6.18
C GLY C 68 -36.03 4.72 -7.66
N LEU C 69 -35.19 5.72 -7.96
CA LEU C 69 -34.89 6.08 -9.33
C LEU C 69 -33.39 6.01 -9.57
N MET C 70 -33.03 5.58 -10.79
CA MET C 70 -31.61 5.54 -11.16
C MET C 70 -30.99 6.93 -11.14
N ASP C 71 -31.76 7.95 -11.54
CA ASP C 71 -31.26 9.32 -11.53
C ASP C 71 -30.87 9.74 -10.11
N TYR C 72 -31.70 9.37 -9.12
CA TYR C 72 -31.38 9.70 -7.74
C TYR C 72 -30.09 9.01 -7.31
N ALA C 73 -29.88 7.77 -7.75
CA ALA C 73 -28.65 7.06 -7.42
C ALA C 73 -27.43 7.75 -8.02
N PHE C 74 -27.52 8.14 -9.31
CA PHE C 74 -26.44 8.90 -9.91
C PHE C 74 -26.22 10.21 -9.17
N GLN C 75 -27.32 10.86 -8.77
CA GLN C 75 -27.21 12.11 -8.01
C GLN C 75 -26.47 11.90 -6.69
N TYR C 76 -26.80 10.82 -5.97
CA TYR C 76 -26.15 10.56 -4.70
C TYR C 76 -24.64 10.38 -4.87
N VAL C 77 -24.23 9.64 -5.90
CA VAL C 77 -22.81 9.41 -6.14
C VAL C 77 -22.09 10.72 -6.39
N GLN C 78 -22.73 11.64 -7.13
CA GLN C 78 -22.15 12.96 -7.33
C GLN C 78 -22.10 13.74 -6.03
N ASP C 79 -23.18 13.72 -5.26
CA ASP C 79 -23.20 14.42 -3.98
C ASP C 79 -22.18 13.83 -3.02
N ASN C 80 -22.13 12.51 -2.93
CA ASN C 80 -21.32 11.81 -1.95
C ASN C 80 -19.84 11.79 -2.28
N GLY C 81 -19.48 12.11 -3.53
CA GLY C 81 -18.09 12.08 -3.92
C GLY C 81 -17.50 10.70 -4.09
N GLY C 82 -18.33 9.66 -4.11
CA GLY C 82 -17.83 8.31 -4.30
C GLY C 82 -18.92 7.30 -4.10
N LEU C 83 -18.55 6.04 -4.35
CA LEU C 83 -19.42 4.90 -4.13
C LEU C 83 -18.56 3.69 -3.84
N ASP C 84 -18.92 2.94 -2.80
CA ASP C 84 -18.09 1.82 -2.36
C ASP C 84 -18.22 0.63 -3.30
N SER C 85 -17.23 -0.25 -3.23
CA SER C 85 -17.24 -1.47 -4.02
C SER C 85 -18.20 -2.49 -3.43
N GLU C 86 -18.62 -3.43 -4.28
CA GLU C 86 -19.48 -4.53 -3.83
C GLU C 86 -18.84 -5.28 -2.68
N GLU C 87 -17.57 -5.67 -2.85
CA GLU C 87 -16.89 -6.52 -1.86
C GLU C 87 -16.82 -5.81 -0.51
N SER C 88 -16.50 -4.53 -0.50
CA SER C 88 -16.38 -3.79 0.75
C SER C 88 -17.74 -3.62 1.44
N TYR C 89 -18.80 -3.41 0.66
CA TYR C 89 -20.12 -3.04 1.15
C TYR C 89 -21.12 -4.00 0.55
N PRO C 90 -21.20 -5.23 1.08
CA PRO C 90 -21.94 -6.29 0.39
C PRO C 90 -23.44 -6.16 0.46
N TYR C 91 -24.11 -6.76 -0.54
CA TYR C 91 -25.56 -6.64 -0.67
C TYR C 91 -26.27 -7.57 0.31
N GLU C 92 -27.21 -7.00 1.06
CA GLU C 92 -27.91 -7.71 2.13
C GLU C 92 -29.40 -7.90 1.89
N ALA C 93 -29.97 -7.22 0.88
CA ALA C 93 -31.41 -7.26 0.60
C ALA C 93 -32.24 -6.76 1.77
N THR C 94 -31.71 -5.80 2.54
CA THR C 94 -32.49 -5.08 3.54
C THR C 94 -32.05 -3.62 3.55
N GLU C 95 -32.74 -2.83 4.38
CA GLU C 95 -32.44 -1.42 4.55
C GLU C 95 -31.73 -1.25 5.89
N GLU C 96 -30.53 -0.66 5.87
CA GLU C 96 -29.75 -0.46 7.08
C GLU C 96 -29.18 0.95 7.08
N SER C 97 -28.68 1.37 8.24
CA SER C 97 -28.09 2.69 8.36
C SER C 97 -26.85 2.81 7.47
N CYS C 98 -26.63 4.01 6.95
CA CYS C 98 -25.58 4.21 5.95
C CYS C 98 -24.21 3.94 6.56
N LYS C 99 -23.36 3.25 5.79
CA LYS C 99 -22.01 2.89 6.19
C LYS C 99 -21.01 3.24 5.10
N TYR C 100 -21.26 4.34 4.38
CA TYR C 100 -20.33 4.71 3.31
C TYR C 100 -18.96 5.02 3.89
N ASN C 101 -17.94 4.37 3.36
CA ASN C 101 -16.56 4.57 3.78
C ASN C 101 -15.77 5.08 2.59
N PRO C 102 -15.32 6.34 2.60
CA PRO C 102 -14.58 6.87 1.44
C PRO C 102 -13.31 6.11 1.13
N LYS C 103 -12.77 5.37 2.07
CA LYS C 103 -11.53 4.59 1.81
C LYS C 103 -11.85 3.47 0.80
N TYR C 104 -13.10 3.04 0.74
CA TYR C 104 -13.47 1.93 -0.14
C TYR C 104 -14.19 2.41 -1.40
N SER C 105 -14.19 3.71 -1.69
CA SER C 105 -14.84 4.21 -2.89
C SER C 105 -14.02 3.87 -4.12
N VAL C 106 -14.68 3.28 -5.13
CA VAL C 106 -14.04 2.89 -6.37
C VAL C 106 -14.73 3.48 -7.59
N ALA C 107 -15.67 4.41 -7.39
CA ALA C 107 -16.40 4.98 -8.50
C ALA C 107 -16.85 6.38 -8.14
N ASN C 108 -17.08 7.18 -9.18
CA ASN C 108 -17.59 8.55 -9.06
C ASN C 108 -18.40 8.86 -10.30
N ASP C 109 -19.28 9.86 -10.21
CA ASP C 109 -19.91 10.41 -11.39
C ASP C 109 -20.14 11.91 -11.20
N THR C 110 -20.27 12.60 -12.33
CA THR C 110 -20.40 14.06 -12.37
C THR C 110 -21.82 14.51 -12.71
N GLY C 111 -22.78 13.61 -12.66
CA GLY C 111 -24.14 13.89 -13.04
C GLY C 111 -24.70 12.75 -13.85
N PHE C 112 -25.72 13.05 -14.66
CA PHE C 112 -26.33 12.04 -15.51
C PHE C 112 -26.98 12.72 -16.70
N VAL C 113 -27.34 11.92 -17.70
CA VAL C 113 -27.97 12.39 -18.92
C VAL C 113 -29.27 11.62 -19.11
N ASP C 114 -30.38 12.34 -19.27
CA ASP C 114 -31.66 11.74 -19.60
C ASP C 114 -31.78 11.62 -21.11
N ILE C 115 -32.12 10.44 -21.59
CA ILE C 115 -32.27 10.19 -23.02
C ILE C 115 -33.69 10.55 -23.44
N PRO C 116 -33.88 11.15 -24.63
CA PRO C 116 -35.24 11.42 -25.09
C PRO C 116 -36.06 10.13 -25.24
N LYS C 117 -37.37 10.28 -25.06
CA LYS C 117 -38.28 9.14 -24.96
C LYS C 117 -38.63 8.61 -26.36
N GLN C 118 -37.62 8.00 -26.97
CA GLN C 118 -37.77 7.45 -28.33
C GLN C 118 -36.76 6.31 -28.49
N GLU C 119 -37.19 5.19 -29.07
CA GLU C 119 -36.30 4.04 -29.20
C GLU C 119 -35.12 4.33 -30.11
N LYS C 120 -35.28 5.24 -31.08
CA LYS C 120 -34.14 5.65 -31.89
C LYS C 120 -33.09 6.36 -31.05
N ALA C 121 -33.53 7.25 -30.15
CA ALA C 121 -32.58 7.90 -29.24
C ALA C 121 -31.90 6.89 -28.33
N LEU C 122 -32.67 5.93 -27.81
CA LEU C 122 -32.10 4.90 -26.96
C LEU C 122 -31.08 4.06 -27.73
N MET C 123 -31.36 3.75 -28.98
CA MET C 123 -30.41 2.99 -29.79
C MET C 123 -29.10 3.75 -29.97
N LYS C 124 -29.18 5.05 -30.28
CA LYS C 124 -27.97 5.84 -30.45
C LYS C 124 -27.17 5.91 -29.14
N ALA C 125 -27.85 6.06 -28.02
CA ALA C 125 -27.17 6.09 -26.73
C ALA C 125 -26.49 4.76 -26.43
N VAL C 126 -27.18 3.65 -26.69
CA VAL C 126 -26.61 2.33 -26.44
C VAL C 126 -25.38 2.11 -27.30
N ALA C 127 -25.45 2.52 -28.57
CA ALA C 127 -24.35 2.27 -29.49
C ALA C 127 -23.11 3.11 -29.15
N THR C 128 -23.31 4.30 -28.60
CA THR C 128 -22.22 5.26 -28.43
C THR C 128 -21.73 5.42 -27.00
N VAL C 129 -22.56 5.16 -26.00
CA VAL C 129 -22.21 5.42 -24.60
C VAL C 129 -21.80 4.13 -23.89
N GLY C 130 -22.61 3.09 -23.99
CA GLY C 130 -22.43 1.89 -23.22
C GLY C 130 -23.76 1.40 -22.68
N PRO C 131 -23.73 0.56 -21.65
CA PRO C 131 -24.98 0.12 -21.03
C PRO C 131 -25.77 1.29 -20.46
N ILE C 132 -27.10 1.17 -20.50
CA ILE C 132 -28.00 2.25 -20.18
C ILE C 132 -29.02 1.78 -19.15
N SER C 133 -29.26 2.60 -18.12
CA SER C 133 -30.34 2.35 -17.19
C SER C 133 -31.68 2.64 -17.84
N VAL C 134 -32.61 1.69 -17.76
CA VAL C 134 -33.96 1.87 -18.28
C VAL C 134 -34.96 1.33 -17.27
N ALA C 135 -36.19 1.81 -17.38
CA ALA C 135 -37.32 1.31 -16.62
C ALA C 135 -38.30 0.65 -17.58
N ILE C 136 -38.83 -0.50 -17.19
CA ILE C 136 -39.76 -1.25 -18.02
C ILE C 136 -40.96 -1.68 -17.19
N ASP C 137 -42.07 -1.94 -17.90
CA ASP C 137 -43.27 -2.54 -17.31
C ASP C 137 -43.02 -4.04 -17.21
N ALA C 138 -42.59 -4.49 -16.02
CA ALA C 138 -42.31 -5.90 -15.78
C ALA C 138 -43.33 -6.53 -14.84
N GLY C 139 -44.50 -5.92 -14.68
CA GLY C 139 -45.45 -6.38 -13.70
C GLY C 139 -46.42 -7.44 -14.19
N HIS C 140 -45.93 -8.37 -15.00
CA HIS C 140 -46.80 -9.36 -15.62
C HIS C 140 -46.22 -10.76 -15.48
N GLU C 141 -47.13 -11.73 -15.45
CA GLU C 141 -46.75 -13.12 -15.24
C GLU C 141 -45.85 -13.64 -16.34
N SER C 142 -46.04 -13.16 -17.58
CA SER C 142 -45.17 -13.57 -18.68
C SER C 142 -43.73 -13.16 -18.42
N PHE C 143 -43.52 -11.98 -17.83
CA PHE C 143 -42.15 -11.56 -17.51
C PHE C 143 -41.59 -12.38 -16.36
N LEU C 144 -42.39 -12.61 -15.32
CA LEU C 144 -41.93 -13.40 -14.18
C LEU C 144 -41.42 -14.76 -14.63
N PHE C 145 -42.07 -15.35 -15.63
CA PHE C 145 -41.76 -16.69 -16.09
C PHE C 145 -41.03 -16.70 -17.42
N TYR C 146 -40.45 -15.57 -17.83
CA TYR C 146 -39.70 -15.55 -19.09
C TYR C 146 -38.54 -16.51 -19.01
N LYS C 147 -38.30 -17.26 -20.08
CA LYS C 147 -37.17 -18.22 -20.12
C LYS C 147 -36.26 -17.97 -21.32
N GLU C 148 -36.85 -17.77 -22.49
CA GLU C 148 -36.02 -17.64 -23.69
C GLU C 148 -36.79 -16.89 -24.76
N GLY C 149 -36.04 -16.36 -25.74
CA GLY C 149 -36.62 -15.71 -26.90
C GLY C 149 -36.84 -14.23 -26.72
N ILE C 150 -37.44 -13.63 -27.75
CA ILE C 150 -37.82 -12.23 -27.70
C ILE C 150 -39.09 -12.10 -26.87
N TYR C 151 -39.06 -11.24 -25.87
CA TYR C 151 -40.18 -11.04 -24.97
C TYR C 151 -41.17 -10.04 -25.55
N PHE C 152 -42.43 -10.43 -25.62
CA PHE C 152 -43.49 -9.53 -26.07
C PHE C 152 -44.74 -9.81 -25.26
N GLU C 153 -45.25 -8.80 -24.58
CA GLU C 153 -46.44 -8.90 -23.74
C GLU C 153 -47.49 -7.92 -24.22
N PRO C 154 -48.58 -8.38 -24.84
CA PRO C 154 -49.55 -7.43 -25.44
C PRO C 154 -50.15 -6.45 -24.43
N ASP C 155 -50.23 -6.82 -23.16
CA ASP C 155 -50.79 -5.95 -22.14
C ASP C 155 -49.75 -5.05 -21.48
N CYS C 156 -48.53 -5.03 -22.00
CA CYS C 156 -47.50 -4.16 -21.45
C CYS C 156 -47.81 -2.69 -21.72
N SER C 157 -47.41 -1.84 -20.79
CA SER C 157 -47.61 -0.40 -20.90
C SER C 157 -46.30 0.27 -21.29
N SER C 158 -46.40 1.25 -22.19
CA SER C 158 -45.27 2.07 -22.59
C SER C 158 -45.10 3.31 -21.74
N GLU C 159 -46.02 3.55 -20.80
CA GLU C 159 -45.99 4.74 -19.94
C GLU C 159 -45.85 4.42 -18.46
N ASP C 160 -46.20 3.22 -18.03
CA ASP C 160 -46.28 2.84 -16.62
C ASP C 160 -45.25 1.74 -16.37
N MET C 161 -44.06 2.13 -15.96
CA MET C 161 -42.98 1.19 -15.69
C MET C 161 -42.79 1.00 -14.19
N ASP C 162 -42.31 -0.18 -13.80
CA ASP C 162 -42.17 -0.52 -12.39
C ASP C 162 -40.85 -1.21 -12.05
N HIS C 163 -39.98 -1.46 -13.03
CA HIS C 163 -38.78 -2.25 -12.83
C HIS C 163 -37.61 -1.58 -13.53
N GLY C 164 -36.52 -1.39 -12.81
CA GLY C 164 -35.34 -0.75 -13.33
C GLY C 164 -34.27 -1.76 -13.71
N VAL C 165 -33.90 -1.76 -14.98
CA VAL C 165 -32.94 -2.73 -15.53
C VAL C 165 -31.91 -2.03 -16.39
N LEU C 166 -31.05 -2.80 -17.05
CA LEU C 166 -29.91 -2.28 -17.79
C LEU C 166 -29.89 -2.85 -19.20
N VAL C 167 -29.90 -1.97 -20.20
CA VAL C 167 -29.79 -2.36 -21.60
C VAL C 167 -28.31 -2.44 -21.94
N VAL C 168 -27.83 -3.64 -22.25
CA VAL C 168 -26.42 -3.85 -22.56
C VAL C 168 -26.18 -4.02 -24.05
N GLY C 169 -27.20 -3.83 -24.87
CA GLY C 169 -27.04 -3.94 -26.30
C GLY C 169 -28.38 -4.13 -26.99
N TYR C 170 -28.30 -4.52 -28.27
CA TYR C 170 -29.47 -4.78 -29.07
C TYR C 170 -29.08 -5.65 -30.26
N GLY C 171 -30.06 -6.27 -30.89
CA GLY C 171 -29.79 -7.14 -32.00
C GLY C 171 -31.03 -7.48 -32.79
N PHE C 172 -30.91 -8.51 -33.62
CA PHE C 172 -32.00 -8.97 -34.47
C PHE C 172 -31.88 -10.47 -34.69
N GLU C 173 -33.02 -11.15 -34.66
CA GLU C 173 -33.05 -12.59 -34.95
C GLU C 173 -33.39 -12.84 -36.42
N GLU C 176 -34.53 -14.81 -42.30
CA GLU C 176 -35.25 -14.79 -41.01
C GLU C 176 -36.69 -14.30 -41.26
N SER C 177 -37.35 -13.78 -40.22
CA SER C 177 -38.79 -13.47 -40.43
C SER C 177 -39.14 -12.02 -40.07
N ASP C 178 -40.23 -11.80 -39.32
CA ASP C 178 -40.70 -10.41 -39.07
C ASP C 178 -40.24 -9.91 -37.72
N ASN C 179 -41.00 -10.19 -36.66
CA ASN C 179 -40.55 -9.82 -35.29
C ASN C 179 -39.13 -10.35 -35.22
N ASN C 180 -38.16 -9.45 -35.27
CA ASN C 180 -36.76 -9.88 -35.35
C ASN C 180 -35.88 -9.03 -34.43
N LYS C 181 -36.24 -7.78 -34.17
CA LYS C 181 -35.37 -6.89 -33.41
C LYS C 181 -35.66 -6.99 -31.91
N TYR C 182 -34.59 -6.90 -31.11
CA TYR C 182 -34.71 -7.02 -29.67
C TYR C 182 -33.70 -6.09 -28.98
N TRP C 183 -34.06 -5.67 -27.77
CA TRP C 183 -33.11 -5.07 -26.85
C TRP C 183 -32.51 -6.18 -25.99
N LEU C 184 -31.23 -6.05 -25.66
CA LEU C 184 -30.56 -6.99 -24.77
C LEU C 184 -30.48 -6.37 -23.38
N VAL C 185 -31.14 -6.98 -22.41
CA VAL C 185 -31.43 -6.36 -21.13
C VAL C 185 -30.92 -7.23 -19.99
N LYS C 186 -30.16 -6.62 -19.08
CA LYS C 186 -29.62 -7.30 -17.91
C LYS C 186 -30.60 -7.15 -16.76
N ASN C 187 -31.20 -8.26 -16.34
CA ASN C 187 -32.09 -8.27 -15.19
C ASN C 187 -31.27 -8.49 -13.91
N SER C 188 -31.92 -8.30 -12.76
CA SER C 188 -31.29 -8.45 -11.46
C SER C 188 -32.03 -9.46 -10.59
N TRP C 189 -32.52 -10.54 -11.22
CA TRP C 189 -33.19 -11.62 -10.52
C TRP C 189 -32.39 -12.92 -10.53
N GLY C 190 -31.07 -12.82 -10.67
CA GLY C 190 -30.22 -13.98 -10.66
C GLY C 190 -30.08 -14.63 -12.03
N GLU C 191 -29.21 -15.63 -12.09
CA GLU C 191 -28.86 -16.27 -13.35
C GLU C 191 -29.85 -17.35 -13.78
N GLU C 192 -30.64 -17.89 -12.86
CA GLU C 192 -31.60 -18.92 -13.24
C GLU C 192 -32.80 -18.34 -13.98
N TRP C 193 -33.02 -17.03 -13.88
CA TRP C 193 -34.13 -16.39 -14.57
C TRP C 193 -33.73 -16.05 -15.99
N GLY C 194 -34.66 -16.22 -16.93
CA GLY C 194 -34.42 -15.83 -18.30
C GLY C 194 -33.24 -16.54 -18.91
N MET C 195 -32.55 -15.85 -19.82
CA MET C 195 -31.39 -16.40 -20.53
C MET C 195 -30.14 -16.09 -19.71
N GLY C 196 -29.94 -16.89 -18.67
CA GLY C 196 -28.84 -16.66 -17.74
C GLY C 196 -28.90 -15.28 -17.10
N GLY C 197 -30.10 -14.88 -16.70
CA GLY C 197 -30.32 -13.58 -16.10
C GLY C 197 -30.67 -12.48 -17.07
N TYR C 198 -30.64 -12.74 -18.38
CA TYR C 198 -30.87 -11.73 -19.40
C TYR C 198 -32.21 -11.97 -20.10
N VAL C 199 -32.73 -10.92 -20.73
CA VAL C 199 -33.97 -11.02 -21.49
C VAL C 199 -33.81 -10.21 -22.79
N LYS C 200 -34.33 -10.77 -23.88
CA LYS C 200 -34.43 -10.05 -25.14
C LYS C 200 -35.80 -9.37 -25.20
N MET C 201 -35.81 -8.05 -25.07
CA MET C 201 -37.04 -7.27 -25.09
C MET C 201 -37.37 -6.87 -26.52
N ALA C 202 -38.65 -6.95 -26.88
CA ALA C 202 -39.08 -6.56 -28.22
C ALA C 202 -38.67 -5.13 -28.52
N LYS C 203 -37.99 -4.93 -29.65
CA LYS C 203 -37.42 -3.65 -30.01
C LYS C 203 -38.10 -3.10 -31.25
N ASP C 204 -38.29 -1.77 -31.29
CA ASP C 204 -38.94 -1.09 -32.41
C ASP C 204 -40.34 -1.66 -32.65
N ARG C 205 -41.05 -1.90 -31.56
CA ARG C 205 -42.45 -2.33 -31.56
C ARG C 205 -43.26 -1.35 -30.73
N ARG C 206 -43.08 -0.06 -31.04
CA ARG C 206 -43.81 1.04 -30.42
C ARG C 206 -43.47 1.18 -28.94
N ASN C 207 -42.16 1.16 -28.64
CA ASN C 207 -41.65 1.36 -27.30
C ASN C 207 -42.26 0.36 -26.32
N HIS C 208 -42.05 -0.92 -26.64
CA HIS C 208 -42.70 -1.99 -25.89
C HIS C 208 -42.26 -1.96 -24.42
N CYS C 209 -43.25 -2.04 -23.52
CA CYS C 209 -43.04 -2.03 -22.08
C CYS C 209 -42.36 -0.76 -21.59
N GLY C 210 -42.32 0.27 -22.42
CA GLY C 210 -41.78 1.55 -22.01
C GLY C 210 -40.27 1.61 -21.85
N ILE C 211 -39.55 0.68 -22.50
CA ILE C 211 -38.10 0.56 -22.30
C ILE C 211 -37.36 1.85 -22.64
N ALA C 212 -37.96 2.73 -23.45
CA ALA C 212 -37.33 3.99 -23.84
C ALA C 212 -37.85 5.20 -23.08
N SER C 213 -38.76 5.01 -22.12
CA SER C 213 -39.48 6.13 -21.53
C SER C 213 -38.79 6.72 -20.31
N ALA C 214 -37.91 5.98 -19.64
CA ALA C 214 -37.17 6.48 -18.47
C ALA C 214 -35.70 6.05 -18.53
N ALA C 215 -35.07 6.21 -19.70
CA ALA C 215 -33.68 5.81 -19.87
C ALA C 215 -32.73 6.95 -19.54
N SER C 216 -31.61 6.60 -18.88
CA SER C 216 -30.59 7.58 -18.54
C SER C 216 -29.28 6.83 -18.27
N TYR C 217 -28.20 7.59 -18.18
CA TYR C 217 -26.88 7.05 -17.87
C TYR C 217 -26.07 8.10 -17.12
N PRO C 218 -25.12 7.68 -16.28
CA PRO C 218 -24.29 8.66 -15.57
C PRO C 218 -23.15 9.16 -16.41
N THR C 219 -22.70 10.38 -16.10
CA THR C 219 -21.50 10.95 -16.66
C THR C 219 -20.36 10.75 -15.66
N VAL C 220 -19.20 10.32 -16.17
CA VAL C 220 -18.05 10.09 -15.29
C VAL C 220 -16.87 10.95 -15.72
N ALA D 1 36.55 -16.67 16.90
CA ALA D 1 35.93 -15.52 16.25
C ALA D 1 36.80 -15.04 15.09
N PRO D 2 36.20 -14.30 14.15
CA PRO D 2 37.01 -13.70 13.08
C PRO D 2 38.06 -12.75 13.66
N ARG D 3 39.22 -12.71 13.01
CA ARG D 3 40.26 -11.77 13.41
C ARG D 3 39.88 -10.33 13.11
N SER D 4 38.99 -10.10 12.16
N SER D 4 38.98 -10.11 12.15
CA SER D 4 38.52 -8.76 11.84
CA SER D 4 38.52 -8.78 11.79
C SER D 4 37.06 -8.81 11.46
C SER D 4 37.04 -8.82 11.45
N VAL D 5 36.31 -7.80 11.89
CA VAL D 5 34.89 -7.66 11.58
C VAL D 5 34.62 -6.20 11.25
N ASP D 6 33.80 -5.98 10.22
CA ASP D 6 33.35 -4.62 9.88
C ASP D 6 31.92 -4.75 9.35
N TRP D 7 30.94 -4.47 10.20
CA TRP D 7 29.52 -4.61 9.81
C TRP D 7 29.10 -3.55 8.78
N ARG D 8 29.87 -2.47 8.68
CA ARG D 8 29.53 -1.46 7.69
C ARG D 8 29.52 -2.05 6.28
N GLU D 9 30.51 -2.88 5.97
CA GLU D 9 30.60 -3.49 4.64
C GLU D 9 29.52 -4.53 4.41
N LYS D 10 28.89 -5.04 5.47
CA LYS D 10 27.76 -5.95 5.34
C LYS D 10 26.43 -5.22 5.18
N GLY D 11 26.44 -3.89 5.17
CA GLY D 11 25.21 -3.13 5.00
C GLY D 11 24.41 -2.91 6.26
N TYR D 12 25.01 -3.09 7.43
CA TYR D 12 24.30 -2.99 8.70
C TYR D 12 24.24 -1.56 9.26
N VAL D 13 24.95 -0.61 8.66
CA VAL D 13 25.28 0.64 9.34
C VAL D 13 24.89 1.82 8.45
N THR D 14 24.12 2.75 9.02
CA THR D 14 23.70 3.98 8.35
C THR D 14 24.85 4.99 8.34
N PRO D 15 24.72 6.06 7.56
CA PRO D 15 25.75 7.11 7.59
C PRO D 15 25.84 7.81 8.95
N VAL D 16 26.99 8.44 9.18
CA VAL D 16 27.27 9.09 10.46
C VAL D 16 26.32 10.27 10.66
N LYS D 17 25.84 10.41 11.89
CA LYS D 17 24.91 11.47 12.26
C LYS D 17 25.59 12.43 13.23
N ASN D 18 24.92 13.56 13.48
CA ASN D 18 25.46 14.62 14.33
C ASN D 18 24.42 14.99 15.38
N GLN D 19 24.71 14.66 16.63
CA GLN D 19 23.80 14.98 17.73
C GLN D 19 23.69 16.47 18.00
N GLY D 20 24.59 17.28 17.45
CA GLY D 20 24.54 18.71 17.68
C GLY D 20 24.75 19.05 19.14
N GLN D 21 24.15 20.14 19.58
CA GLN D 21 24.29 20.60 20.96
C GLN D 21 23.15 20.03 21.82
N CYS D 22 23.14 18.71 21.92
CA CYS D 22 22.19 17.98 22.73
C CYS D 22 22.85 16.68 23.18
N GLY D 23 22.77 16.39 24.48
CA GLY D 23 23.38 15.20 25.03
C GLY D 23 22.60 13.94 24.73
N SER D 24 22.30 13.73 23.44
CA SER D 24 21.47 12.62 22.98
C SER D 24 22.29 11.47 22.43
N CYS D 25 23.57 11.38 22.82
CA CYS D 25 24.43 10.31 22.32
C CYS D 25 23.80 8.95 22.51
N TRP D 26 23.15 8.74 23.65
CA TRP D 26 22.50 7.46 23.95
C TRP D 26 21.45 7.09 22.92
N ALA D 27 20.77 8.08 22.34
CA ALA D 27 19.76 7.77 21.34
C ALA D 27 20.38 7.33 20.02
N PHE D 28 21.46 8.01 19.60
CA PHE D 28 22.15 7.61 18.38
C PHE D 28 22.80 6.25 18.54
N SER D 29 23.34 5.97 19.73
CA SER D 29 23.85 4.63 20.00
C SER D 29 22.74 3.60 19.91
N ALA D 30 21.57 3.91 20.48
CA ALA D 30 20.46 2.96 20.47
C ALA D 30 19.90 2.74 19.06
N THR D 31 19.77 3.81 18.28
CA THR D 31 19.26 3.67 16.92
C THR D 31 20.26 2.93 16.04
N GLY D 32 21.55 3.17 16.22
CA GLY D 32 22.55 2.42 15.48
C GLY D 32 22.44 0.93 15.70
N ALA D 33 22.33 0.52 16.97
CA ALA D 33 22.19 -0.89 17.29
C ALA D 33 20.89 -1.44 16.71
N LEU D 34 19.79 -0.68 16.81
CA LEU D 34 18.52 -1.16 16.30
C LEU D 34 18.50 -1.19 14.77
N GLU D 35 19.18 -0.22 14.13
CA GLU D 35 19.29 -0.26 12.68
C GLU D 35 19.99 -1.53 12.21
N GLY D 36 21.03 -1.96 12.94
CA GLY D 36 21.71 -3.19 12.58
C GLY D 36 20.85 -4.42 12.76
N GLN D 37 20.13 -4.50 13.88
CA GLN D 37 19.31 -5.70 14.13
C GLN D 37 18.11 -5.76 13.19
N MET D 38 17.52 -4.62 12.84
CA MET D 38 16.48 -4.63 11.82
C MET D 38 17.02 -5.06 10.47
N PHE D 39 18.23 -4.60 10.10
CA PHE D 39 18.80 -5.02 8.83
C PHE D 39 19.04 -6.52 8.80
N ARG D 40 19.56 -7.08 9.90
CA ARG D 40 19.77 -8.52 9.95
C ARG D 40 18.47 -9.27 9.74
N LYS D 41 17.37 -8.76 10.29
CA LYS D 41 16.08 -9.43 10.19
C LYS D 41 15.49 -9.31 8.79
N THR D 42 15.52 -8.12 8.20
CA THR D 42 14.75 -7.82 7.00
C THR D 42 15.60 -7.55 5.77
N GLY D 43 16.89 -7.28 5.92
CA GLY D 43 17.69 -6.85 4.79
C GLY D 43 17.47 -5.42 4.36
N ARG D 44 16.65 -4.72 5.15
CA ARG D 44 16.39 -3.29 4.87
C ARG D 44 17.10 -2.38 5.88
N LEU D 45 17.95 -1.50 5.39
CA LEU D 45 18.62 -0.51 6.24
C LEU D 45 17.84 0.80 6.19
N ILE D 46 17.27 1.20 7.32
CA ILE D 46 16.42 2.38 7.40
C ILE D 46 16.85 3.21 8.60
N SER D 47 17.17 4.48 8.35
CA SER D 47 17.54 5.40 9.42
C SER D 47 16.37 5.58 10.39
N LEU D 48 16.68 5.51 11.69
CA LEU D 48 15.68 5.57 12.75
C LEU D 48 15.78 6.90 13.49
N SER D 49 14.65 7.29 14.09
CA SER D 49 14.51 8.62 14.68
C SER D 49 15.10 8.66 16.09
N GLU D 50 16.16 9.45 16.28
CA GLU D 50 16.62 9.74 17.64
C GLU D 50 15.67 10.69 18.37
N GLN D 51 15.04 11.60 17.64
CA GLN D 51 14.13 12.56 18.27
C GLN D 51 12.97 11.85 18.94
N ASN D 52 12.51 10.76 18.32
CA ASN D 52 11.43 9.94 18.90
C ASN D 52 11.87 9.49 20.29
N LEU D 53 13.08 8.91 20.37
CA LEU D 53 13.58 8.42 21.64
C LEU D 53 13.74 9.56 22.65
N VAL D 54 14.32 10.69 22.20
CA VAL D 54 14.57 11.81 23.09
C VAL D 54 13.25 12.36 23.64
N ASP D 55 12.24 12.48 22.77
CA ASP D 55 10.97 13.08 23.17
C ASP D 55 10.12 12.16 24.03
N CYS D 56 10.21 10.84 23.85
CA CYS D 56 9.16 9.94 24.31
C CYS D 56 9.60 8.90 25.33
N SER D 57 10.89 8.73 25.60
CA SER D 57 11.36 7.66 26.47
C SER D 57 11.59 8.12 27.91
N GLY D 58 11.00 9.25 28.31
CA GLY D 58 11.05 9.69 29.68
C GLY D 58 10.51 8.70 30.70
N PRO D 59 9.36 8.08 30.43
CA PRO D 59 8.83 7.09 31.37
C PRO D 59 9.76 5.90 31.60
N GLN D 60 10.58 5.54 30.61
CA GLN D 60 11.49 4.43 30.78
C GLN D 60 12.77 4.81 31.51
N GLY D 61 12.95 6.09 31.84
CA GLY D 61 14.08 6.53 32.63
C GLY D 61 15.04 7.47 31.92
N ASN D 62 14.80 7.83 30.67
CA ASN D 62 15.74 8.68 29.96
C ASN D 62 15.48 10.16 30.24
N GLU D 63 16.45 10.99 29.88
CA GLU D 63 16.41 12.42 30.21
C GLU D 63 16.76 13.29 29.02
N GLY D 64 16.41 12.87 27.81
CA GLY D 64 16.55 13.72 26.63
C GLY D 64 17.97 14.21 26.43
N CYS D 65 18.10 15.54 26.27
CA CYS D 65 19.40 16.16 26.05
C CYS D 65 20.28 16.17 27.29
N ASN D 66 19.80 15.69 28.44
CA ASN D 66 20.60 15.56 29.65
C ASN D 66 21.09 14.14 29.88
N GLY D 67 20.98 13.27 28.90
CA GLY D 67 21.53 11.93 28.98
C GLY D 67 20.45 10.87 29.09
N GLY D 68 20.90 9.62 29.01
CA GLY D 68 20.02 8.47 29.10
C GLY D 68 20.82 7.21 28.97
N LEU D 69 20.11 6.09 28.97
CA LEU D 69 20.72 4.77 28.80
C LEU D 69 20.16 4.10 27.55
N MET D 70 21.05 3.46 26.79
CA MET D 70 20.64 2.70 25.62
C MET D 70 19.64 1.62 26.01
N ASP D 71 19.83 1.00 27.18
CA ASP D 71 18.90 -0.03 27.65
C ASP D 71 17.49 0.53 27.79
N TYR D 72 17.37 1.74 28.34
CA TYR D 72 16.06 2.36 28.47
C TYR D 72 15.43 2.62 27.10
N ALA D 73 16.24 2.98 26.11
CA ALA D 73 15.70 3.23 24.77
C ALA D 73 15.13 1.95 24.17
N PHE D 74 15.86 0.84 24.30
CA PHE D 74 15.33 -0.44 23.82
C PHE D 74 14.05 -0.81 24.57
N GLN D 75 14.00 -0.53 25.87
CA GLN D 75 12.79 -0.77 26.64
C GLN D 75 11.63 0.06 26.11
N TYR D 76 11.88 1.32 25.74
CA TYR D 76 10.81 2.15 25.21
C TYR D 76 10.24 1.56 23.93
N VAL D 77 11.11 1.16 23.01
CA VAL D 77 10.66 0.60 21.73
C VAL D 77 9.79 -0.63 21.98
N GLN D 78 10.17 -1.46 22.95
CA GLN D 78 9.35 -2.60 23.33
C GLN D 78 8.00 -2.15 23.89
N ASP D 79 8.03 -1.23 24.86
CA ASP D 79 6.78 -0.75 25.47
C ASP D 79 5.91 -0.05 24.44
N ASN D 80 6.50 0.81 23.62
CA ASN D 80 5.76 1.63 22.69
C ASN D 80 5.26 0.83 21.49
N GLY D 81 5.83 -0.35 21.25
CA GLY D 81 5.42 -1.16 20.12
C GLY D 81 5.96 -0.69 18.78
N GLY D 82 6.91 0.24 18.77
CA GLY D 82 7.48 0.68 17.51
C GLY D 82 8.29 1.95 17.71
N LEU D 83 8.95 2.35 16.62
CA LEU D 83 9.82 3.51 16.62
C LEU D 83 9.83 4.10 15.21
N ASP D 84 9.61 5.41 15.12
CA ASP D 84 9.45 6.04 13.82
C ASP D 84 10.78 6.17 13.08
N SER D 85 10.67 6.29 11.76
CA SER D 85 11.84 6.50 10.92
C SER D 85 12.43 7.88 11.14
N GLU D 86 13.72 8.01 10.83
CA GLU D 86 14.37 9.32 10.85
C GLU D 86 13.62 10.33 10.00
N GLU D 87 13.22 9.91 8.80
CA GLU D 87 12.56 10.82 7.87
C GLU D 87 11.26 11.36 8.44
N SER D 88 10.43 10.48 9.01
CA SER D 88 9.13 10.88 9.49
C SER D 88 9.22 11.76 10.74
N TYR D 89 10.27 11.56 11.54
CA TYR D 89 10.40 12.17 12.86
C TYR D 89 11.80 12.77 12.95
N PRO D 90 12.04 13.89 12.27
CA PRO D 90 13.42 14.36 12.07
C PRO D 90 14.07 14.85 13.35
N TYR D 91 15.41 14.82 13.35
CA TYR D 91 16.19 15.17 14.53
C TYR D 91 16.34 16.69 14.64
N GLU D 92 15.98 17.24 15.79
CA GLU D 92 16.01 18.68 16.01
C GLU D 92 17.02 19.12 17.06
N ALA D 93 17.59 18.19 17.83
CA ALA D 93 18.56 18.49 18.89
C ALA D 93 17.96 19.35 19.99
N THR D 94 16.68 19.15 20.29
CA THR D 94 16.03 19.71 21.47
C THR D 94 15.07 18.67 22.03
N GLU D 95 14.45 19.00 23.17
CA GLU D 95 13.45 18.15 23.78
C GLU D 95 12.08 18.78 23.59
N GLU D 96 11.15 18.01 23.04
CA GLU D 96 9.82 18.50 22.75
C GLU D 96 8.83 17.39 23.10
N SER D 97 7.54 17.73 23.09
CA SER D 97 6.53 16.75 23.44
C SER D 97 6.62 15.55 22.49
N CYS D 98 6.15 14.40 22.98
CA CYS D 98 6.17 13.21 22.15
C CYS D 98 5.26 13.39 20.94
N LYS D 99 5.78 13.03 19.78
CA LYS D 99 5.01 13.08 18.53
C LYS D 99 5.00 11.73 17.84
N TYR D 100 5.16 10.65 18.60
CA TYR D 100 5.20 9.31 18.01
C TYR D 100 3.91 9.04 17.26
N ASN D 101 4.05 8.47 16.06
CA ASN D 101 2.91 8.12 15.22
C ASN D 101 3.11 6.66 14.81
N PRO D 102 2.26 5.74 15.28
CA PRO D 102 2.46 4.33 14.96
C PRO D 102 2.40 4.03 13.46
N LYS D 103 1.77 4.91 12.68
CA LYS D 103 1.72 4.71 11.23
C LYS D 103 3.10 4.80 10.60
N TYR D 104 4.01 5.59 11.17
CA TYR D 104 5.33 5.79 10.63
C TYR D 104 6.39 4.89 11.27
N SER D 105 5.97 3.91 12.06
CA SER D 105 6.92 3.00 12.69
C SER D 105 7.56 2.08 11.66
N VAL D 106 8.88 1.90 11.78
CA VAL D 106 9.62 1.06 10.85
C VAL D 106 10.53 0.09 11.61
N ALA D 107 10.40 0.06 12.93
CA ALA D 107 11.26 -0.80 13.75
C ALA D 107 10.51 -1.27 14.98
N ASN D 108 11.03 -2.36 15.55
CA ASN D 108 10.49 -2.98 16.75
C ASN D 108 11.63 -3.69 17.46
N ASP D 109 11.46 -3.91 18.77
CA ASP D 109 12.31 -4.88 19.46
C ASP D 109 11.50 -5.53 20.57
N THR D 110 12.05 -6.63 21.09
CA THR D 110 11.40 -7.46 22.09
C THR D 110 12.14 -7.46 23.42
N GLY D 111 13.05 -6.50 23.62
CA GLY D 111 13.89 -6.43 24.78
C GLY D 111 15.33 -6.21 24.35
N PHE D 112 16.25 -6.51 25.27
CA PHE D 112 17.67 -6.28 25.02
C PHE D 112 18.49 -7.30 25.78
N VAL D 113 19.78 -7.36 25.46
CA VAL D 113 20.71 -8.29 26.08
C VAL D 113 21.89 -7.49 26.61
N ASP D 114 22.17 -7.63 27.90
CA ASP D 114 23.34 -7.02 28.51
C ASP D 114 24.52 -7.97 28.37
N ILE D 115 25.61 -7.47 27.80
CA ILE D 115 26.79 -8.29 27.54
C ILE D 115 27.66 -8.31 28.79
N PRO D 116 28.27 -9.45 29.14
CA PRO D 116 29.18 -9.46 30.29
C PRO D 116 30.31 -8.46 30.13
N LYS D 117 30.78 -7.94 31.26
CA LYS D 117 31.77 -6.87 31.28
C LYS D 117 33.17 -7.44 31.04
N GLN D 118 33.36 -7.96 29.83
CA GLN D 118 34.66 -8.49 29.42
C GLN D 118 34.84 -8.25 27.94
N GLU D 119 36.03 -7.81 27.54
CA GLU D 119 36.29 -7.49 26.14
C GLU D 119 36.13 -8.72 25.26
N LYS D 120 36.51 -9.89 25.75
CA LYS D 120 36.29 -11.12 25.00
C LYS D 120 34.81 -11.35 24.74
N ALA D 121 33.96 -11.13 25.75
CA ALA D 121 32.52 -11.24 25.56
C ALA D 121 32.00 -10.20 24.57
N LEU D 122 32.52 -8.97 24.65
CA LEU D 122 32.17 -7.96 23.67
C LEU D 122 32.59 -8.39 22.27
N MET D 123 33.77 -9.00 22.16
CA MET D 123 34.26 -9.44 20.86
C MET D 123 33.34 -10.49 20.25
N LYS D 124 32.91 -11.46 21.06
CA LYS D 124 32.04 -12.52 20.54
C LYS D 124 30.71 -11.96 20.08
N ALA D 125 30.11 -11.06 20.88
CA ALA D 125 28.84 -10.47 20.49
C ALA D 125 28.96 -9.66 19.21
N VAL D 126 30.02 -8.87 19.08
CA VAL D 126 30.24 -8.11 17.86
C VAL D 126 30.37 -9.06 16.66
N ALA D 127 31.04 -10.19 16.85
CA ALA D 127 31.24 -11.13 15.76
C ALA D 127 29.94 -11.81 15.35
N THR D 128 29.06 -12.08 16.31
CA THR D 128 27.88 -12.91 16.04
C THR D 128 26.58 -12.12 15.87
N VAL D 129 26.45 -10.96 16.51
CA VAL D 129 25.18 -10.26 16.57
C VAL D 129 25.09 -9.14 15.53
N GLY D 130 26.11 -8.27 15.50
CA GLY D 130 26.06 -7.08 14.69
C GLY D 130 26.59 -5.90 15.48
N PRO D 131 26.32 -4.68 15.02
CA PRO D 131 26.72 -3.49 15.80
C PRO D 131 26.14 -3.53 17.20
N ILE D 132 26.96 -3.10 18.16
CA ILE D 132 26.64 -3.20 19.59
C ILE D 132 26.65 -1.81 20.20
N SER D 133 25.69 -1.54 21.09
CA SER D 133 25.70 -0.31 21.87
C SER D 133 26.68 -0.46 23.03
N VAL D 134 27.57 0.54 23.20
CA VAL D 134 28.51 0.57 24.30
C VAL D 134 28.64 2.00 24.80
N ALA D 135 29.09 2.13 26.04
CA ALA D 135 29.44 3.40 26.63
C ALA D 135 30.95 3.45 26.86
N ILE D 136 31.53 4.64 26.68
CA ILE D 136 32.96 4.84 26.86
C ILE D 136 33.20 6.14 27.61
N ASP D 137 34.42 6.28 28.13
CA ASP D 137 34.86 7.51 28.79
C ASP D 137 35.43 8.42 27.72
N ALA D 138 34.60 9.31 27.20
CA ALA D 138 34.99 10.23 26.14
C ALA D 138 35.22 11.65 26.62
N GLY D 139 35.35 11.86 27.93
CA GLY D 139 35.46 13.20 28.46
C GLY D 139 36.89 13.72 28.55
N HIS D 140 37.65 13.63 27.47
CA HIS D 140 39.02 14.10 27.47
C HIS D 140 39.34 14.80 26.15
N GLU D 141 40.23 15.78 26.23
CA GLU D 141 40.53 16.62 25.08
C GLU D 141 41.11 15.82 23.92
N SER D 142 41.83 14.73 24.21
CA SER D 142 42.35 13.90 23.14
C SER D 142 41.24 13.23 22.33
N PHE D 143 40.14 12.85 22.99
CA PHE D 143 39.00 12.32 22.27
C PHE D 143 38.32 13.39 21.43
N LEU D 144 38.21 14.60 21.98
CA LEU D 144 37.52 15.67 21.26
C LEU D 144 38.22 16.01 19.96
N PHE D 145 39.56 16.03 19.98
CA PHE D 145 40.35 16.38 18.82
C PHE D 145 41.00 15.15 18.18
N TYR D 146 40.44 13.96 18.43
CA TYR D 146 40.91 12.76 17.74
C TYR D 146 40.71 12.91 16.24
N LYS D 147 41.71 12.48 15.48
CA LYS D 147 41.55 12.53 14.04
C LYS D 147 41.81 11.20 13.33
N GLU D 148 42.83 10.46 13.76
CA GLU D 148 43.19 9.22 13.07
C GLU D 148 44.09 8.39 13.97
N GLY D 149 44.12 7.09 13.72
CA GLY D 149 44.95 6.17 14.48
C GLY D 149 44.12 5.41 15.51
N ILE D 150 44.84 4.62 16.31
CA ILE D 150 44.22 3.85 17.38
C ILE D 150 44.22 4.69 18.64
N TYR D 151 43.03 5.02 19.13
CA TYR D 151 42.91 5.93 20.25
C TYR D 151 43.33 5.24 21.55
N PHE D 152 44.22 5.90 22.30
CA PHE D 152 44.55 5.47 23.64
C PHE D 152 44.72 6.72 24.51
N GLU D 153 44.11 6.70 25.68
CA GLU D 153 44.13 7.83 26.62
C GLU D 153 44.54 7.30 27.98
N PRO D 154 45.74 7.63 28.47
CA PRO D 154 46.18 7.07 29.77
C PRO D 154 45.30 7.49 30.95
N ASP D 155 44.57 8.59 30.86
CA ASP D 155 43.69 9.02 31.93
C ASP D 155 42.29 8.42 31.83
N CYS D 156 42.02 7.61 30.80
CA CYS D 156 40.68 7.04 30.64
C CYS D 156 40.36 6.10 31.79
N SER D 157 39.10 6.12 32.21
CA SER D 157 38.59 5.23 33.25
C SER D 157 37.87 4.06 32.61
N SER D 158 38.04 2.88 33.20
CA SER D 158 37.36 1.68 32.73
C SER D 158 36.04 1.42 33.44
N GLU D 159 35.69 2.24 34.44
CA GLU D 159 34.45 2.08 35.17
C GLU D 159 33.52 3.28 35.06
N ASP D 160 34.00 4.43 34.59
CA ASP D 160 33.22 5.66 34.58
C ASP D 160 33.13 6.17 33.14
N MET D 161 32.04 5.81 32.45
CA MET D 161 31.80 6.24 31.08
C MET D 161 30.76 7.36 31.04
N ASP D 162 30.84 8.19 30.00
CA ASP D 162 29.98 9.35 29.85
C ASP D 162 29.38 9.50 28.45
N HIS D 163 29.65 8.58 27.53
CA HIS D 163 29.30 8.77 26.13
C HIS D 163 28.83 7.45 25.53
N GLY D 164 27.66 7.44 24.93
CA GLY D 164 27.10 6.25 24.32
C GLY D 164 27.40 6.19 22.84
N VAL D 165 28.10 5.15 22.43
CA VAL D 165 28.52 4.98 21.04
C VAL D 165 28.21 3.58 20.56
N LEU D 166 28.65 3.26 19.34
CA LEU D 166 28.31 2.01 18.67
C LEU D 166 29.56 1.33 18.14
N VAL D 167 29.72 0.05 18.48
CA VAL D 167 30.84 -0.75 17.98
C VAL D 167 30.37 -1.49 16.74
N VAL D 168 30.94 -1.15 15.58
CA VAL D 168 30.54 -1.76 14.31
C VAL D 168 31.56 -2.80 13.83
N GLY D 169 32.57 -3.09 14.63
CA GLY D 169 33.56 -4.09 14.27
C GLY D 169 34.82 -3.95 15.08
N TYR D 170 35.82 -4.73 14.68
CA TYR D 170 37.13 -4.70 15.32
C TYR D 170 38.17 -5.18 14.32
N GLY D 171 39.43 -4.90 14.62
CA GLY D 171 40.49 -5.25 13.71
C GLY D 171 41.86 -5.13 14.36
N PHE D 172 42.88 -5.08 13.52
CA PHE D 172 44.25 -4.99 14.00
C PHE D 172 45.12 -4.27 12.98
N GLU D 173 45.89 -3.30 13.45
CA GLU D 173 46.96 -2.68 12.67
C GLU D 173 48.27 -3.24 13.19
N SER D 174 48.92 -4.09 12.40
CA SER D 174 50.14 -4.76 12.80
C SER D 174 51.35 -4.00 12.26
N THR D 175 52.30 -3.73 13.14
CA THR D 175 53.62 -3.25 12.78
C THR D 175 54.61 -4.38 12.98
N GLU D 176 55.90 -4.06 12.87
CA GLU D 176 56.94 -5.06 12.98
C GLU D 176 56.91 -5.75 14.33
N SER D 177 56.72 -5.00 15.41
CA SER D 177 56.83 -5.53 16.76
C SER D 177 55.55 -5.40 17.57
N ASP D 178 54.43 -5.00 16.96
CA ASP D 178 53.18 -4.86 17.69
C ASP D 178 52.00 -5.17 16.78
N ASN D 179 51.06 -5.97 17.29
CA ASN D 179 49.74 -6.12 16.69
C ASN D 179 48.79 -5.22 17.46
N ASN D 180 48.64 -4.00 16.97
CA ASN D 180 47.84 -2.98 17.64
C ASN D 180 46.37 -3.21 17.29
N LYS D 181 45.61 -3.71 18.25
CA LYS D 181 44.22 -4.09 18.03
C LYS D 181 43.29 -2.96 18.42
N TYR D 182 42.13 -2.90 17.75
CA TYR D 182 41.21 -1.80 17.96
C TYR D 182 39.77 -2.27 17.81
N TRP D 183 38.86 -1.52 18.42
CA TRP D 183 37.44 -1.59 18.13
C TRP D 183 37.08 -0.51 17.12
N LEU D 184 36.25 -0.86 16.14
CA LEU D 184 35.71 0.12 15.21
C LEU D 184 34.45 0.71 15.81
N VAL D 185 34.47 2.02 16.10
CA VAL D 185 33.42 2.67 16.85
C VAL D 185 32.81 3.78 15.99
N LYS D 186 31.48 3.80 15.93
CA LYS D 186 30.73 4.86 15.27
C LYS D 186 30.36 5.93 16.30
N ASN D 187 30.81 7.16 16.08
CA ASN D 187 30.43 8.28 16.91
C ASN D 187 29.25 9.02 16.27
N SER D 188 28.72 9.99 17.00
CA SER D 188 27.57 10.77 16.56
C SER D 188 27.88 12.26 16.59
N TRP D 189 29.10 12.61 16.22
CA TRP D 189 29.54 13.99 16.16
C TRP D 189 29.72 14.49 14.73
N GLY D 190 29.11 13.81 13.76
CA GLY D 190 29.24 14.23 12.38
C GLY D 190 30.41 13.57 11.68
N GLU D 191 30.45 13.76 10.36
CA GLU D 191 31.48 13.13 9.54
C GLU D 191 32.83 13.81 9.66
N GLU D 192 32.89 15.09 10.01
CA GLU D 192 34.17 15.79 10.03
C GLU D 192 34.98 15.53 11.30
N TRP D 193 34.42 14.84 12.28
CA TRP D 193 35.17 14.40 13.45
C TRP D 193 35.81 13.04 13.16
N GLY D 194 37.05 12.86 13.63
CA GLY D 194 37.73 11.58 13.52
C GLY D 194 37.88 11.13 12.09
N MET D 195 37.83 9.80 11.91
CA MET D 195 38.00 9.17 10.59
C MET D 195 36.63 9.03 9.95
N GLY D 196 36.16 10.13 9.36
CA GLY D 196 34.82 10.16 8.80
C GLY D 196 33.74 9.85 9.82
N GLY D 197 33.88 10.40 11.03
CA GLY D 197 32.94 10.13 12.10
C GLY D 197 33.27 8.93 12.95
N TYR D 198 34.30 8.17 12.60
CA TYR D 198 34.63 6.93 13.30
C TYR D 198 35.91 7.09 14.11
N VAL D 199 36.06 6.20 15.09
CA VAL D 199 37.26 6.17 15.94
C VAL D 199 37.64 4.72 16.19
N LYS D 200 38.94 4.43 16.08
CA LYS D 200 39.46 3.12 16.46
C LYS D 200 39.90 3.18 17.92
N MET D 201 39.18 2.47 18.78
CA MET D 201 39.47 2.45 20.21
C MET D 201 40.44 1.31 20.53
N ALA D 202 41.38 1.58 21.43
CA ALA D 202 42.34 0.55 21.83
C ALA D 202 41.60 -0.67 22.38
N LYS D 203 41.95 -1.85 21.85
CA LYS D 203 41.26 -3.09 22.17
C LYS D 203 42.19 -4.04 22.90
N ASP D 204 41.62 -4.81 23.84
CA ASP D 204 42.37 -5.78 24.64
C ASP D 204 43.55 -5.12 25.34
N ARG D 205 43.28 -3.94 25.90
CA ARG D 205 44.22 -3.15 26.68
C ARG D 205 43.62 -2.82 28.04
N ARG D 206 43.12 -3.85 28.71
CA ARG D 206 42.47 -3.75 30.03
C ARG D 206 41.23 -2.85 29.95
N ASN D 207 40.32 -3.23 29.06
CA ASN D 207 39.02 -2.58 28.91
C ASN D 207 39.16 -1.07 28.84
N HIS D 208 39.85 -0.61 27.80
CA HIS D 208 40.23 0.79 27.69
C HIS D 208 38.99 1.67 27.55
N CYS D 209 38.95 2.74 28.35
CA CYS D 209 37.85 3.70 28.37
C CYS D 209 36.50 3.05 28.69
N GLY D 210 36.52 1.84 29.26
CA GLY D 210 35.30 1.18 29.67
C GLY D 210 34.41 0.69 28.55
N ILE D 211 34.98 0.41 27.37
CA ILE D 211 34.17 0.10 26.20
C ILE D 211 33.33 -1.16 26.41
N ALA D 212 33.78 -2.07 27.27
CA ALA D 212 33.09 -3.33 27.50
C ALA D 212 32.28 -3.34 28.79
N SER D 213 32.18 -2.22 29.49
CA SER D 213 31.55 -2.18 30.80
C SER D 213 30.04 -1.96 30.75
N ALA D 214 29.51 -1.41 29.67
CA ALA D 214 28.08 -1.14 29.55
C ALA D 214 27.57 -1.51 28.15
N ALA D 215 27.90 -2.71 27.70
CA ALA D 215 27.59 -3.15 26.34
C ALA D 215 26.26 -3.89 26.31
N SER D 216 25.41 -3.55 25.32
CA SER D 216 24.13 -4.19 25.15
C SER D 216 23.66 -4.00 23.71
N TYR D 217 22.63 -4.75 23.33
CA TYR D 217 22.04 -4.67 22.00
C TYR D 217 20.58 -5.08 22.10
N PRO D 218 19.72 -4.61 21.19
CA PRO D 218 18.31 -4.99 21.24
C PRO D 218 18.05 -6.30 20.53
N THR D 219 17.00 -6.99 20.98
CA THR D 219 16.55 -8.23 20.37
C THR D 219 15.31 -7.95 19.54
N VAL D 220 15.29 -8.46 18.31
CA VAL D 220 14.17 -8.21 17.40
C VAL D 220 13.50 -9.51 17.01
ZN ZN E . -17.23 -10.73 15.86
ZN ZN F . 2.20 -36.67 10.41
ZN ZN G . 0.90 -35.55 4.85
ZN ZN H . 6.62 -34.61 4.12
ZN ZN I . -10.96 -22.09 -17.44
ZN ZN J . 10.96 -19.53 4.80
ZN ZN K . -9.85 -16.97 -3.07
AS CAC L . 2.28 -37.47 7.27
O1 CAC L . 1.50 -36.05 6.64
O2 CAC L . 3.03 -37.10 8.79
C1 CAC L . 0.95 -38.89 7.51
C2 CAC L . 3.68 -38.08 6.04
AS CAC M . 2.51 -35.80 2.00
O1 CAC M . 3.88 -34.92 1.37
O2 CAC M . 2.39 -35.51 3.71
C1 CAC M . 0.88 -35.18 1.11
C2 CAC M . 2.75 -37.73 1.69
N1 0IW N . 5.06 -29.08 -1.58
C 0IW N . 4.04 -29.10 -0.70
O 0IW N . 3.30 -30.07 -0.60
C2 0IW N . 5.19 -30.05 -2.66
C3 0IW N . 6.62 -30.49 -2.84
N4 0IW N . 7.50 -29.34 -3.06
CM 0IW N . 8.88 -29.78 -3.24
C5 0IW N . 7.38 -28.42 -1.93
C6 0IW N . 5.96 -27.94 -1.77
N 0IW N . 3.93 -28.06 0.07
CA 0IW N . 2.78 -27.88 0.94
C1 0IW N . 1.53 -27.82 0.07
O1 0IW N . 1.49 -27.12 -0.92
CB 0IW N . 2.91 -26.62 1.80
CG 0IW N . 4.10 -26.56 2.73
CD1 0IW N . 4.79 -25.37 2.93
CD2 0IW N . 4.53 -27.68 3.41
CE1 0IW N . 5.87 -25.30 3.78
CE2 0IW N . 5.63 -27.62 4.26
CZ 0IW N . 6.29 -26.43 4.45
C11 0IW N . -2.36 -28.96 1.69
C21 0IW N . -1.90 -28.12 0.51
C31 0IW N . -0.73 -28.69 -0.31
N2 0IW N . 0.52 -28.60 0.45
C4 0IW N . -0.99 -30.12 -0.75
C51 0IW N . 0.03 -30.65 -1.73
C1' 0IW N . -0.38 -31.98 -2.30
C2' 0IW N . -0.40 -33.12 -1.50
C3' 0IW N . -0.80 -34.33 -2.01
C4' 0IW N . -1.18 -34.43 -3.33
C5' 0IW N . -1.17 -33.32 -4.14
C6' 0IW N . -0.77 -32.10 -3.61
C12 0IW N . -2.44 -33.93 3.31
C22 0IW N . -2.69 -32.83 4.10
C32 0IW N . -3.08 -31.64 3.54
C41 0IW N . -3.24 -31.56 2.16
S1 0IW N . -3.74 -30.05 1.42
O11 0IW N . -4.85 -29.54 2.17
O2 0IW N . -3.91 -30.24 0.03
C52 0IW N . -2.99 -32.67 1.36
C61 0IW N . -2.59 -33.85 1.95
ZN ZN O . 2.33 26.26 7.31
ZN ZN P . 8.18 30.03 -24.49
ZN ZN Q . 12.23 26.00 -23.55
ZN ZN R . 9.24 22.50 -27.21
ZN ZN S . -0.51 12.34 -20.58
ZN ZN T . 14.86 13.70 -4.53
ZN ZN U . 28.03 7.27 -8.47
AS CAC V . 10.61 28.27 -25.48
O1 CAC V . 8.94 28.72 -25.63
O2 CAC V . 10.83 27.23 -24.10
C1 CAC V . 11.13 27.36 -27.14
C2 CAC V . 11.72 29.86 -25.23
AS CAC W . 13.49 23.55 -25.25
O1 CAC W . 12.92 21.96 -25.66
O2 CAC W . 12.13 24.55 -24.84
C1 CAC W . 14.73 23.44 -23.73
C2 CAC W . 14.44 24.32 -26.78
N1 0IW X . 11.43 16.06 -23.43
C 0IW X . 11.31 17.08 -22.55
O 0IW X . 11.97 18.09 -22.67
C2 0IW X . 10.73 14.78 -23.33
C3 0IW X . 10.34 14.30 -24.70
N4 0IW X . 11.51 13.95 -25.50
CM 0IW X . 11.28 14.21 -26.90
C5 0IW X . 12.68 14.70 -25.02
C6 0IW X . 12.29 16.11 -24.61
N 0IW X . 10.44 16.93 -21.62
CA 0IW X . 10.37 17.84 -20.50
C1 0IW X . 11.62 17.73 -19.61
O1 0IW X . 11.99 16.65 -19.18
CB 0IW X . 9.10 17.66 -19.66
CG 0IW X . 7.80 17.76 -20.39
CD1 0IW X . 6.78 16.86 -20.15
CD2 0IW X . 7.56 18.77 -21.31
CE1 0IW X . 5.57 16.93 -20.82
CE2 0IW X . 6.36 18.85 -21.99
CZ 0IW X . 5.36 17.93 -21.74
C11 0IW X . 12.98 21.09 -17.26
C21 0IW X . 13.25 19.59 -17.23
C31 0IW X . 13.51 18.93 -18.59
N2 0IW X . 12.27 18.87 -19.37
C4 0IW X . 14.60 19.65 -19.39
C51 0IW X . 14.97 18.95 -20.67
C1' 0IW X . 16.24 19.48 -21.29
C2' 0IW X . 17.43 18.78 -21.19
C3' 0IW X . 18.60 19.27 -21.75
C4' 0IW X . 18.58 20.48 -22.42
C5' 0IW X . 17.42 21.18 -22.53
C6' 0IW X . 16.25 20.69 -21.97
C12 0IW X . 14.34 25.18 -20.19
C22 0IW X . 15.28 24.20 -20.17
C32 0IW X . 15.30 23.27 -19.15
C41 0IW X . 14.35 23.34 -18.15
S1 0IW X . 14.35 22.15 -16.86
O11 0IW X . 14.05 22.84 -15.64
O2 0IW X . 15.56 21.39 -16.92
C52 0IW X . 13.39 24.34 -18.17
C61 0IW X . 13.40 25.26 -19.19
ZN ZN Y . -18.28 -14.24 -24.69
ZN ZN Z . -48.25 -3.39 -17.26
ZN ZN AA . -46.23 -3.25 -11.80
ZN ZN BA . -46.98 2.30 -11.95
ZN ZN CA . -34.27 10.71 -15.96
ZN ZN DA . -24.19 -6.63 -5.87
ZN ZN EA . -27.13 -6.86 8.60
AS CAC FA . -46.68 -1.43 -9.18
O1 CAC FA . -46.26 0.18 -8.71
O2 CAC FA . -46.58 -1.59 -10.93
C1 CAC FA . -45.46 -2.71 -8.34
C2 CAC FA . -48.51 -1.79 -8.58
AS CAC GA . -48.70 -3.06 -14.00
O1 CAC GA . -47.00 -3.21 -13.67
O2 CAC GA . -48.93 -2.61 -15.66
C1 CAC GA . -49.57 -4.80 -13.70
C2 CAC GA . -49.51 -1.69 -12.86
N1 0IW HA . -40.68 4.09 -7.47
C 0IW HA . -40.33 2.88 -7.95
O 0IW HA . -40.90 1.87 -7.61
C2 0IW HA . -39.75 5.21 -7.33
C3 0IW HA . -40.50 6.50 -7.17
N4 0IW HA . -41.21 6.54 -5.90
CM 0IW HA . -42.43 7.35 -5.99
C5 0IW HA . -41.54 5.17 -5.46
C6 0IW HA . -41.87 4.30 -6.63
N 0IW HA . -39.35 2.83 -8.76
CA 0IW HA . -39.07 1.59 -9.44
C1 0IW HA . -38.44 0.56 -8.50
O1 0IW HA . -37.59 0.88 -7.67
CB 0IW HA . -38.23 1.75 -10.70
CG 0IW HA . -38.60 2.87 -11.64
CD1 0IW HA . -39.86 2.96 -12.20
CD2 0IW HA . -37.65 3.82 -12.01
CE1 0IW HA . -40.17 3.99 -13.07
CE2 0IW HA . -37.97 4.84 -12.89
CZ 0IW HA . -39.24 4.92 -13.42
C11 0IW HA . -38.46 -3.67 -9.44
C21 0IW HA . -37.72 -2.84 -8.41
C31 0IW HA . -38.56 -1.77 -7.71
N2 0IW HA . -38.88 -0.69 -8.64
C4 0IW HA . -39.85 -2.34 -7.12
C51 0IW HA . -40.51 -1.44 -6.12
C1' 0IW HA . -41.46 -2.18 -5.21
C2' 0IW HA . -41.12 -2.44 -3.90
C3' 0IW HA . -41.98 -3.14 -3.06
C4' 0IW HA . -43.19 -3.58 -3.55
C5' 0IW HA . -43.54 -3.33 -4.85
C6' 0IW HA . -42.68 -2.64 -5.68
C12 0IW HA . -43.34 -5.54 -9.92
C22 0IW HA . -42.98 -5.19 -8.66
C32 0IW HA . -41.63 -5.09 -8.31
C41 0IW HA . -40.68 -5.37 -9.27
S1 0IW HA . -38.96 -5.26 -8.85
O11 0IW HA . -38.26 -6.24 -9.61
O2 0IW HA . -38.84 -5.28 -7.43
C52 0IW HA . -41.04 -5.73 -10.55
C61 0IW HA . -42.38 -5.82 -10.87
ZN ZN IA . 32.94 -0.20 1.03
ZN ZN JA . 37.83 9.93 32.09
ZN ZN KA . 32.91 12.92 31.28
ZN ZN LA . 30.67 9.68 35.42
ZN ZN MA . 22.69 -2.83 30.45
ZN ZN NA . 19.11 10.92 13.20
ZN ZN OA . 10.35 21.44 16.85
AS CAC PA . 35.69 12.12 33.11
O1 CAC PA . 36.62 10.68 33.35
O2 CAC PA . 34.56 11.88 31.80
C1 CAC PA . 34.75 12.52 34.79
C2 CAC PA . 36.88 13.62 32.66
AS CAC QA . 30.40 13.75 33.12
O1 CAC QA . 29.01 12.88 33.70
O2 CAC QA . 31.70 12.63 32.81
C1 CAC QA . 29.95 14.71 31.48
C2 CAC QA . 30.95 15.03 34.51
N1 0IW RA . 23.29 9.75 32.14
C 0IW RA . 24.09 9.92 31.07
O 0IW RA . 24.73 10.95 30.91
C2 0IW RA . 22.25 8.74 32.21
C3 0IW RA . 21.98 8.36 33.66
N4 0IW RA . 21.62 9.54 34.45
CM 0IW RA . 21.40 9.16 35.83
C5 0IW RA . 22.70 10.52 34.37
C6 0IW RA . 22.95 10.93 32.95
N 0IW RA . 24.14 8.97 30.22
CA 0IW RA . 25.05 9.02 29.09
C1 0IW RA . 24.64 10.09 28.08
O1 0IW RA . 23.48 10.21 27.72
CB 0IW RA . 25.24 7.68 28.38
CG 0IW RA . 25.77 6.52 29.19
CD1 0IW RA . 25.15 5.30 29.16
CD2 0IW RA . 26.92 6.66 29.94
CE1 0IW RA . 25.63 4.22 29.89
CE2 0IW RA . 27.42 5.57 30.67
CZ 0IW RA . 26.76 4.37 30.65
C11 0IW RA . 27.58 11.93 25.33
C21 0IW RA . 26.05 11.80 25.37
C31 0IW RA . 25.41 12.02 26.74
N2 0IW RA . 25.63 10.87 27.60
C4 0IW RA . 25.90 13.29 27.41
C51 0IW RA . 25.30 13.51 28.77
C1' 0IW RA . 25.51 14.92 29.27
C2' 0IW RA . 24.51 15.86 29.18
C3' 0IW RA . 24.72 17.16 29.63
C4' 0IW RA . 25.92 17.52 30.17
C5' 0IW RA . 26.93 16.60 30.26
C6' 0IW RA . 26.73 15.31 29.82
C12 0IW RA . 31.48 14.36 27.79
C22 0IW RA . 31.69 13.43 26.80
C32 0IW RA . 30.71 13.15 25.88
C41 0IW RA . 29.50 13.82 25.95
S1 0IW RA . 28.23 13.47 24.77
O11 0IW RA . 28.84 13.25 23.50
O2 0IW RA . 27.23 14.48 24.88
C52 0IW RA . 29.27 14.75 26.95
C61 0IW RA . 30.27 15.01 27.87
#